data_2DQQ
# 
_entry.id   2DQQ 
# 
_audit_conform.dict_name       mmcif_pdbx.dic 
_audit_conform.dict_version    5.380 
_audit_conform.dict_location   http://mmcif.pdb.org/dictionaries/ascii/mmcif_pdbx.dic 
# 
loop_
_database_2.database_id 
_database_2.database_code 
_database_2.pdbx_database_accession 
_database_2.pdbx_DOI 
PDB   2DQQ         pdb_00002dqq 10.2210/pdb2dqq/pdb 
NDB   AH0024       ?            ?                   
RCSB  RCSB025731   ?            ?                   
WWPDB D_1000025731 ?            ?                   
# 
loop_
_pdbx_database_related.db_name 
_pdbx_database_related.db_id 
_pdbx_database_related.details 
_pdbx_database_related.content_type 
PDB 479D 
;Same hybrid duplex sequence but without the 5-(N-aminohexyl)carbamoyl-2'-O-methyluridine
;
unspecified 
PDB 2DQO .                                                                                          unspecified 
PDB 2DQP .                                                                                          unspecified 
# 
_pdbx_database_status.status_code                     REL 
_pdbx_database_status.entry_id                        2DQQ 
_pdbx_database_status.recvd_initial_deposition_date   2006-05-29 
_pdbx_database_status.deposit_site                    PDBJ 
_pdbx_database_status.process_site                    PDBJ 
_pdbx_database_status.status_code_sf                  REL 
_pdbx_database_status.status_code_mr                  ? 
_pdbx_database_status.SG_entry                        ? 
_pdbx_database_status.pdb_format_compatible           Y 
_pdbx_database_status.status_code_cs                  ? 
_pdbx_database_status.status_code_nmr_data            ? 
_pdbx_database_status.methods_development_category    ? 
# 
loop_
_audit_author.name 
_audit_author.pdbx_ordinal 
'Juan, E.C.M.' 1 
'Kondo, J.'    2 
'Ito, T.'      3 
'Ueno, Y.'     4 
'Matsuda, A.'  5 
'Takenaka, A.' 6 
# 
_citation.id                        primary 
_citation.title                     
;Crystal structures of DNA:DNA and DNA:RNA duplexes containing 5-(N-aminohexyl)carbamoyl-modified uracils reveal the basis for properties as antigene and antisense molecules
;
_citation.journal_abbrev            'Nucleic Acids Res.' 
_citation.journal_volume            35 
_citation.page_first                1969 
_citation.page_last                 1977 
_citation.year                      2007 
_citation.journal_id_ASTM           NARHAD 
_citation.country                   UK 
_citation.journal_id_ISSN           0305-1048 
_citation.journal_id_CSD            0389 
_citation.book_publisher            ? 
_citation.pdbx_database_id_PubMed   17341465 
_citation.pdbx_database_id_DOI      10.1093/nar/gkl821 
# 
loop_
_citation_author.citation_id 
_citation_author.name 
_citation_author.ordinal 
_citation_author.identifier_ORCID 
primary 'Juan, E.C.M.' 1 ? 
primary 'Kondo, J.'    2 ? 
primary 'Kurihara, T.' 3 ? 
primary 'Ito, T.'      4 ? 
primary 'Ueno, Y.'     5 ? 
primary 'Matsuda, A.'  6 ? 
primary 'Takenaka, A.' 7 ? 
# 
_cell.entry_id           2DQQ 
_cell.length_a           52.471 
_cell.length_b           52.471 
_cell.length_c           42.488 
_cell.angle_alpha        90.00 
_cell.angle_beta         90.00 
_cell.angle_gamma        120.00 
_cell.Z_PDB              6 
_cell.pdbx_unique_axis   ? 
_cell.length_a_esd       ? 
_cell.length_b_esd       ? 
_cell.length_c_esd       ? 
_cell.angle_alpha_esd    ? 
_cell.angle_beta_esd     ? 
_cell.angle_gamma_esd    ? 
# 
_symmetry.entry_id                         2DQQ 
_symmetry.space_group_name_H-M             'P 61' 
_symmetry.pdbx_full_space_group_name_H-M   ? 
_symmetry.cell_setting                     ? 
_symmetry.Int_Tables_number                169 
_symmetry.space_group_name_Hall            ? 
# 
loop_
_entity.id 
_entity.type 
_entity.src_method 
_entity.pdbx_description 
_entity.formula_weight 
_entity.pdbx_number_of_molecules 
_entity.pdbx_ec 
_entity.pdbx_mutation 
_entity.pdbx_fragment 
_entity.details 
1 polymer     syn 
;DNA (5'-D(*DCP*(OMU)P*DCP*DTP*(OMU)P*DCP*DTP*DTP*DC)-3')
;
2664.734 1  ? ? ? ? 
2 polymer     syn 
;RNA (5'-R(*GP*AP*AP*GP*AP*AP*GP*AP*G)-3')
;
2981.895 1  ? ? ? ? 
3 non-polymer syn '(6-AMINOHEXYL)CARBAMIC ACID'                              160.214  2  ? ? ? ? 
4 water       nat water                                                      18.015   62 ? ? ? ? 
# 
loop_
_entity_poly.entity_id 
_entity_poly.type 
_entity_poly.nstd_linkage 
_entity_poly.nstd_monomer 
_entity_poly.pdbx_seq_one_letter_code 
_entity_poly.pdbx_seq_one_letter_code_can 
_entity_poly.pdbx_strand_id 
_entity_poly.pdbx_target_identifier 
1 polydeoxyribonucleotide no yes '(DC)(OMU)(DC)(DT)(OMU)(DC)(DT)(DT)(DC)' CUCTUCTTC A ? 
2 polyribonucleotide      no no  GAAGAAGAG                                GAAGAAGAG B ? 
# 
loop_
_entity_poly_seq.entity_id 
_entity_poly_seq.num 
_entity_poly_seq.mon_id 
_entity_poly_seq.hetero 
1 1 DC  n 
1 2 OMU n 
1 3 DC  n 
1 4 DT  n 
1 5 OMU n 
1 6 DC  n 
1 7 DT  n 
1 8 DT  n 
1 9 DC  n 
2 1 G   n 
2 2 A   n 
2 3 A   n 
2 4 G   n 
2 5 A   n 
2 6 A   n 
2 7 G   n 
2 8 A   n 
2 9 G   n 
# 
loop_
_pdbx_entity_src_syn.entity_id 
_pdbx_entity_src_syn.pdbx_src_id 
_pdbx_entity_src_syn.pdbx_alt_source_flag 
_pdbx_entity_src_syn.pdbx_beg_seq_num 
_pdbx_entity_src_syn.pdbx_end_seq_num 
_pdbx_entity_src_syn.organism_scientific 
_pdbx_entity_src_syn.organism_common_name 
_pdbx_entity_src_syn.ncbi_taxonomy_id 
_pdbx_entity_src_syn.details 
1 1 sample ? ? 'synthetic construct' ? 32630 ? 
2 1 sample ? ? 'synthetic construct' ? 32630 ? 
# 
loop_
_struct_ref.id 
_struct_ref.db_name 
_struct_ref.db_code 
_struct_ref.entity_id 
_struct_ref.pdbx_seq_one_letter_code 
_struct_ref.pdbx_align_begin 
_struct_ref.pdbx_db_accession 
_struct_ref.pdbx_db_isoform 
1 PDB 2DQQ 1 'C(OMU)CT(OMU)CTTC' 1  2DQQ ? 
2 PDB 2DQQ 2 GAAGAAGAG           10 2DQQ ? 
# 
loop_
_struct_ref_seq.align_id 
_struct_ref_seq.ref_id 
_struct_ref_seq.pdbx_PDB_id_code 
_struct_ref_seq.pdbx_strand_id 
_struct_ref_seq.seq_align_beg 
_struct_ref_seq.pdbx_seq_align_beg_ins_code 
_struct_ref_seq.seq_align_end 
_struct_ref_seq.pdbx_seq_align_end_ins_code 
_struct_ref_seq.pdbx_db_accession 
_struct_ref_seq.db_align_beg 
_struct_ref_seq.pdbx_db_align_beg_ins_code 
_struct_ref_seq.db_align_end 
_struct_ref_seq.pdbx_db_align_end_ins_code 
_struct_ref_seq.pdbx_auth_seq_align_beg 
_struct_ref_seq.pdbx_auth_seq_align_end 
1 1 2DQQ A 1 ? 9 ? 2DQQ 1  ? 9  ? 1  9  
2 2 2DQQ B 1 ? 9 ? 2DQQ 10 ? 18 ? 10 18 
# 
loop_
_chem_comp.id 
_chem_comp.type 
_chem_comp.mon_nstd_flag 
_chem_comp.name 
_chem_comp.pdbx_synonyms 
_chem_comp.formula 
_chem_comp.formula_weight 
A   'RNA linking' y "ADENOSINE-5'-MONOPHOSPHATE"         ? 'C10 H14 N5 O7 P' 347.221 
CMY non-polymer   . '(6-AMINOHEXYL)CARBAMIC ACID'        ? 'C7 H16 N2 O2'    160.214 
DC  'DNA linking' y "2'-DEOXYCYTIDINE-5'-MONOPHOSPHATE"  ? 'C9 H14 N3 O7 P'  307.197 
DT  'DNA linking' y "THYMIDINE-5'-MONOPHOSPHATE"         ? 'C10 H15 N2 O8 P' 322.208 
G   'RNA linking' y "GUANOSINE-5'-MONOPHOSPHATE"         ? 'C10 H14 N5 O8 P' 363.221 
HOH non-polymer   . WATER                                ? 'H2 O'            18.015  
OMU 'RNA linking' n 
;O2'-METHYLURIDINE 5'-MONOPHOSPHATE
;
? 'C10 H15 N2 O9 P' 338.208 
# 
_exptl.entry_id          2DQQ 
_exptl.method            'X-RAY DIFFRACTION' 
_exptl.crystals_number   1 
# 
_exptl_crystal.id                    1 
_exptl_crystal.density_meas          ? 
_exptl_crystal.density_Matthews      2.96 
_exptl_crystal.density_percent_sol   58.40 
_exptl_crystal.description           ? 
_exptl_crystal.F_000                 ? 
_exptl_crystal.preparation           ? 
# 
_exptl_crystal_grow.crystal_id      1 
_exptl_crystal_grow.method          'VAPOR DIFFUSION, HANGING DROP' 
_exptl_crystal_grow.temp            277 
_exptl_crystal_grow.temp_details    ? 
_exptl_crystal_grow.pH              7.0 
_exptl_crystal_grow.pdbx_details    
;25mM sodium cacodylate, pH 7.0, 5mM spermine tetrahydrochloride, 25mM lithium chloride and 7.5% MPD, equilibrated against 35% (v/v) MPD, VAPOR DIFFUSION, HANGING DROP, temperature 277K
;
_exptl_crystal_grow.pdbx_pH_range   . 
# 
loop_
_exptl_crystal_grow_comp.crystal_id 
_exptl_crystal_grow_comp.id 
_exptl_crystal_grow_comp.sol_id 
_exptl_crystal_grow_comp.name 
_exptl_crystal_grow_comp.volume 
_exptl_crystal_grow_comp.conc 
_exptl_crystal_grow_comp.details 
1 1 1 'sodium cacodylate'           ? ? ? 
1 2 1 'spermine tetrahydrochloride' ? ? ? 
1 3 1 'lithium chloride'            ? ? ? 
1 4 1 MPD                           ? ? ? 
1 5 1 HOH                           ? ? ? 
1 6 2 'sodium cacodylate'           ? ? ? 
1 7 2 'lithium chloride'            ? ? ? 
1 8 2 MPD                           ? ? ? 
1 9 2 HOH                           ? ? ? 
# 
_diffrn.id                     1 
_diffrn.ambient_temp           100 
_diffrn.ambient_temp_details   ? 
_diffrn.crystal_id             1 
# 
_diffrn_detector.diffrn_id              1 
_diffrn_detector.detector               CCD 
_diffrn_detector.type                   'ADSC QUANTUM 4' 
_diffrn_detector.pdbx_collection_date   2003-12-12 
_diffrn_detector.details                ? 
# 
_diffrn_radiation.diffrn_id                        1 
_diffrn_radiation.wavelength_id                    1 
_diffrn_radiation.pdbx_monochromatic_or_laue_m_l   M 
_diffrn_radiation.monochromator                    'SI(111)' 
_diffrn_radiation.pdbx_diffrn_protocol             'SINGLE WAVELENGTH' 
_diffrn_radiation.pdbx_scattering_type             x-ray 
# 
_diffrn_radiation_wavelength.id           1 
_diffrn_radiation_wavelength.wavelength   1.000 
_diffrn_radiation_wavelength.wt           1.0 
# 
_diffrn_source.diffrn_id                   1 
_diffrn_source.source                      SYNCHROTRON 
_diffrn_source.type                        'PHOTON FACTORY BEAMLINE BL-18B' 
_diffrn_source.pdbx_synchrotron_site       'Photon Factory' 
_diffrn_source.pdbx_synchrotron_beamline   BL-18B 
_diffrn_source.pdbx_wavelength             ? 
_diffrn_source.pdbx_wavelength_list        1.000 
# 
_reflns.entry_id                     2DQQ 
_reflns.observed_criterion_sigma_F   0.0 
_reflns.observed_criterion_sigma_I   0.0 
_reflns.d_resolution_high            2.000 
_reflns.d_resolution_low             42.488 
_reflns.number_all                   ? 
_reflns.number_obs                   4587 
_reflns.percent_possible_obs         99.9 
_reflns.pdbx_Rmerge_I_obs            0.036 
_reflns.pdbx_Rsym_value              ? 
_reflns.pdbx_netI_over_sigmaI        12.5 
_reflns.B_iso_Wilson_estimate        ? 
_reflns.pdbx_redundancy              ? 
_reflns.R_free_details               ? 
_reflns.pdbx_chi_squared             ? 
_reflns.pdbx_scaling_rejects         ? 
_reflns.pdbx_diffrn_id               1 
_reflns.pdbx_ordinal                 1 
# 
_reflns_shell.d_res_high             2.00 
_reflns_shell.d_res_low              2.11 
_reflns_shell.percent_possible_all   100 
_reflns_shell.Rmerge_I_obs           0.296 
_reflns_shell.pdbx_Rsym_value        ? 
_reflns_shell.meanI_over_sigI_obs    2.5 
_reflns_shell.pdbx_redundancy        ? 
_reflns_shell.percent_possible_obs   ? 
_reflns_shell.number_unique_all      ? 
_reflns_shell.number_measured_all    ? 
_reflns_shell.number_measured_obs    ? 
_reflns_shell.number_unique_obs      ? 
_reflns_shell.pdbx_chi_squared       ? 
_reflns_shell.pdbx_diffrn_id         ? 
_reflns_shell.pdbx_ordinal           1 
# 
_refine.entry_id                                 2DQQ 
_refine.ls_d_res_high                            2.0 
_refine.ls_d_res_low                             10 
_refine.pdbx_ls_sigma_F                          3.0 
_refine.pdbx_ls_sigma_I                          ? 
_refine.ls_number_reflns_all                     4538 
_refine.ls_number_reflns_obs                     4494 
_refine.ls_number_reflns_R_free                  469 
_refine.ls_percent_reflns_obs                    99.0 
_refine.ls_R_factor_all                          ? 
_refine.ls_R_factor_obs                          ? 
_refine.ls_R_factor_R_work                       0.2463 
_refine.ls_R_factor_R_free                       0.2844 
_refine.ls_redundancy_reflns_obs                 ? 
_refine.pdbx_data_cutoff_high_absF               ? 
_refine.pdbx_data_cutoff_low_absF                ? 
_refine.ls_number_parameters                     ? 
_refine.ls_number_restraints                     ? 
_refine.ls_percent_reflns_R_free                 ? 
_refine.ls_R_factor_R_free_error                 ? 
_refine.ls_R_factor_R_free_error_details         ? 
_refine.pdbx_method_to_determine_struct          'MOLECULAR REPLACEMENT' 
_refine.pdbx_starting_model                      'PDB ENTRY 479D' 
_refine.pdbx_ls_cross_valid_method               ? 
_refine.pdbx_R_Free_selection_details            RANDOM 
_refine.pdbx_stereochem_target_val_spec_case     ? 
_refine.pdbx_stereochemistry_target_values       'Maximum Likelihood' 
_refine.solvent_model_details                    ? 
_refine.solvent_model_param_bsol                 ? 
_refine.solvent_model_param_ksol                 ? 
_refine.occupancy_max                            ? 
_refine.occupancy_min                            ? 
_refine.pdbx_isotropic_thermal_model             ? 
_refine.B_iso_mean                               ? 
_refine.aniso_B[1][1]                            3.241 
_refine.aniso_B[1][2]                            -6.598 
_refine.aniso_B[1][3]                            0.000 
_refine.aniso_B[2][2]                            3.241 
_refine.aniso_B[2][3]                            0.000 
_refine.aniso_B[3][3]                            -6.482 
_refine.details                                  
;The value of the item "Number reflections (observed) is the number of reflections used in refinement. This value excludes the reflections that have sigma(F) less than 3.0.
;
_refine.correlation_coeff_Fo_to_Fc               ? 
_refine.correlation_coeff_Fo_to_Fc_free          ? 
_refine.pdbx_solvent_vdw_probe_radii             ? 
_refine.pdbx_solvent_ion_probe_radii             ? 
_refine.pdbx_solvent_shrinkage_radii             ? 
_refine.overall_SU_R_Cruickshank_DPI             ? 
_refine.overall_SU_R_free                        ? 
_refine.overall_SU_ML                            ? 
_refine.overall_SU_B                             ? 
_refine.pdbx_overall_ESU_R_Free                  ? 
_refine.pdbx_data_cutoff_high_rms_absF           ? 
_refine.pdbx_overall_ESU_R                       ? 
_refine.ls_wR_factor_R_free                      ? 
_refine.ls_wR_factor_R_work                      ? 
_refine.overall_FOM_free_R_set                   ? 
_refine.overall_FOM_work_R_set                   ? 
_refine.pdbx_refine_id                           'X-RAY DIFFRACTION' 
_refine.pdbx_overall_phase_error                 ? 
_refine.pdbx_diffrn_id                           1 
_refine.pdbx_TLS_residual_ADP_flag               ? 
_refine.pdbx_overall_SU_R_free_Cruickshank_DPI   ? 
_refine.pdbx_overall_SU_R_Blow_DPI               ? 
_refine.pdbx_overall_SU_R_free_Blow_DPI          ? 
# 
_refine_hist.pdbx_refine_id                   'X-RAY DIFFRACTION' 
_refine_hist.cycle_id                         LAST 
_refine_hist.pdbx_number_atoms_protein        0 
_refine_hist.pdbx_number_atoms_nucleic_acid   374 
_refine_hist.pdbx_number_atoms_ligand         20 
_refine_hist.number_atoms_solvent             62 
_refine_hist.number_atoms_total               456 
_refine_hist.d_res_high                       2.0 
_refine_hist.d_res_low                        10 
# 
_struct.entry_id                  2DQQ 
_struct.title                     
;Crystal Structure of d(CXCTXCTTC):r(gaagaagag) Where X is 5-(N-aminohexyl)carbamoyl-2'-O-methyluridine
;
_struct.pdbx_model_details        ? 
_struct.pdbx_CASP_flag            ? 
_struct.pdbx_model_type_details   ? 
# 
_struct_keywords.entry_id        2DQQ 
_struct_keywords.pdbx_keywords   'DNA-RNA HYBRID' 
_struct_keywords.text            
;modified nucleotide, 5-(N-aminohexyl)carbamoyl-2'-O-methyluridine, A-form RNA:DNA hybrid duplex, DNA-RNA HYBRID
;
# 
loop_
_struct_asym.id 
_struct_asym.pdbx_blank_PDB_chainid_flag 
_struct_asym.pdbx_modified 
_struct_asym.entity_id 
_struct_asym.details 
A N N 1 ? 
B N N 2 ? 
C N N 3 ? 
D N N 3 ? 
E N N 4 ? 
F N N 4 ? 
# 
loop_
_struct_conn.id 
_struct_conn.conn_type_id 
_struct_conn.pdbx_leaving_atom_flag 
_struct_conn.pdbx_PDB_id 
_struct_conn.ptnr1_label_asym_id 
_struct_conn.ptnr1_label_comp_id 
_struct_conn.ptnr1_label_seq_id 
_struct_conn.ptnr1_label_atom_id 
_struct_conn.pdbx_ptnr1_label_alt_id 
_struct_conn.pdbx_ptnr1_PDB_ins_code 
_struct_conn.pdbx_ptnr1_standard_comp_id 
_struct_conn.ptnr1_symmetry 
_struct_conn.ptnr2_label_asym_id 
_struct_conn.ptnr2_label_comp_id 
_struct_conn.ptnr2_label_seq_id 
_struct_conn.ptnr2_label_atom_id 
_struct_conn.pdbx_ptnr2_label_alt_id 
_struct_conn.pdbx_ptnr2_PDB_ins_code 
_struct_conn.ptnr1_auth_asym_id 
_struct_conn.ptnr1_auth_comp_id 
_struct_conn.ptnr1_auth_seq_id 
_struct_conn.ptnr2_auth_asym_id 
_struct_conn.ptnr2_auth_comp_id 
_struct_conn.ptnr2_auth_seq_id 
_struct_conn.ptnr2_symmetry 
_struct_conn.pdbx_ptnr3_label_atom_id 
_struct_conn.pdbx_ptnr3_label_seq_id 
_struct_conn.pdbx_ptnr3_label_comp_id 
_struct_conn.pdbx_ptnr3_label_asym_id 
_struct_conn.pdbx_ptnr3_label_alt_id 
_struct_conn.pdbx_ptnr3_PDB_ins_code 
_struct_conn.details 
_struct_conn.pdbx_dist_value 
_struct_conn.pdbx_value_order 
_struct_conn.pdbx_role 
covale1  covale both ? A DC  1 "O3'" ? ? ? 1_555 A OMU 2 P   ? ? A DC  1 A OMU 2   1_555 ? ? ? ? ? ? ?            1.609 ? ? 
covale2  covale both ? A OMU 2 "O3'" ? ? ? 1_555 A DC  3 P   ? ? A OMU 2 A DC  3   1_555 ? ? ? ? ? ? ?            1.608 ? ? 
covale3  covale none ? A OMU 2 C5    ? ? ? 1_555 C CMY . C1Y ? ? A OMU 2 A CMY 102 1_555 ? ? ? ? ? ? ?            1.542 ? ? 
covale4  covale both ? A DT  4 "O3'" ? ? ? 1_555 A OMU 5 P   ? ? A DT  4 A OMU 5   1_555 ? ? ? ? ? ? ?            1.600 ? ? 
covale5  covale both ? A OMU 5 "O3'" ? ? ? 1_555 A DC  6 P   ? ? A OMU 5 A DC  6   1_555 ? ? ? ? ? ? ?            1.610 ? ? 
covale6  covale none ? A OMU 5 C5    ? ? ? 1_555 D CMY . C1Y ? ? A OMU 5 A CMY 105 1_555 ? ? ? ? ? ? ?            1.530 ? ? 
hydrog1  hydrog ?    ? A DC  1 N3    ? ? ? 1_555 B G   9 N1  ? ? A DC  1 B G   18  1_555 ? ? ? ? ? ? WATSON-CRICK ?     ? ? 
hydrog2  hydrog ?    ? A DC  1 N4    ? ? ? 1_555 B G   9 O6  ? ? A DC  1 B G   18  1_555 ? ? ? ? ? ? WATSON-CRICK ?     ? ? 
hydrog3  hydrog ?    ? A DC  1 O2    ? ? ? 1_555 B G   9 N2  ? ? A DC  1 B G   18  1_555 ? ? ? ? ? ? WATSON-CRICK ?     ? ? 
hydrog4  hydrog ?    ? A OMU 2 N3    ? ? ? 1_555 B A   8 N1  ? ? A OMU 2 B A   17  1_555 ? ? ? ? ? ? WATSON-CRICK ?     ? ? 
hydrog5  hydrog ?    ? A OMU 2 O4    ? ? ? 1_555 B A   8 N6  ? ? A OMU 2 B A   17  1_555 ? ? ? ? ? ? WATSON-CRICK ?     ? ? 
hydrog6  hydrog ?    ? A DC  3 N3    ? ? ? 1_555 B G   7 N1  ? ? A DC  3 B G   16  1_555 ? ? ? ? ? ? WATSON-CRICK ?     ? ? 
hydrog7  hydrog ?    ? A DC  3 N4    ? ? ? 1_555 B G   7 O6  ? ? A DC  3 B G   16  1_555 ? ? ? ? ? ? WATSON-CRICK ?     ? ? 
hydrog8  hydrog ?    ? A DC  3 O2    ? ? ? 1_555 B G   7 N2  ? ? A DC  3 B G   16  1_555 ? ? ? ? ? ? WATSON-CRICK ?     ? ? 
hydrog9  hydrog ?    ? A DT  4 N3    ? ? ? 1_555 B A   6 N1  ? ? A DT  4 B A   15  1_555 ? ? ? ? ? ? WATSON-CRICK ?     ? ? 
hydrog10 hydrog ?    ? A DT  4 O4    ? ? ? 1_555 B A   6 N6  ? ? A DT  4 B A   15  1_555 ? ? ? ? ? ? WATSON-CRICK ?     ? ? 
hydrog11 hydrog ?    ? A OMU 5 N3    ? ? ? 1_555 B A   5 N1  ? ? A OMU 5 B A   14  1_555 ? ? ? ? ? ? WATSON-CRICK ?     ? ? 
hydrog12 hydrog ?    ? A OMU 5 O4    ? ? ? 1_555 B A   5 N6  ? ? A OMU 5 B A   14  1_555 ? ? ? ? ? ? WATSON-CRICK ?     ? ? 
hydrog13 hydrog ?    ? A DC  6 N3    ? ? ? 1_555 B G   4 N1  ? ? A DC  6 B G   13  1_555 ? ? ? ? ? ? WATSON-CRICK ?     ? ? 
hydrog14 hydrog ?    ? A DC  6 N4    ? ? ? 1_555 B G   4 O6  ? ? A DC  6 B G   13  1_555 ? ? ? ? ? ? WATSON-CRICK ?     ? ? 
hydrog15 hydrog ?    ? A DC  6 O2    ? ? ? 1_555 B G   4 N2  ? ? A DC  6 B G   13  1_555 ? ? ? ? ? ? WATSON-CRICK ?     ? ? 
hydrog16 hydrog ?    ? A DT  7 N3    ? ? ? 1_555 B A   3 N1  ? ? A DT  7 B A   12  1_555 ? ? ? ? ? ? WATSON-CRICK ?     ? ? 
hydrog17 hydrog ?    ? A DT  7 O4    ? ? ? 1_555 B A   3 N6  ? ? A DT  7 B A   12  1_555 ? ? ? ? ? ? WATSON-CRICK ?     ? ? 
hydrog18 hydrog ?    ? A DT  8 N3    ? ? ? 1_555 B A   2 N1  ? ? A DT  8 B A   11  1_555 ? ? ? ? ? ? WATSON-CRICK ?     ? ? 
hydrog19 hydrog ?    ? A DT  8 O4    ? ? ? 1_555 B A   2 N6  ? ? A DT  8 B A   11  1_555 ? ? ? ? ? ? WATSON-CRICK ?     ? ? 
hydrog20 hydrog ?    ? A DT  8 N3    ? ? ? 1_555 B A   3 N1  ? ? A DT  8 B A   12  1_555 ? ? ? ? ? ? WATSON-CRICK ?     ? ? 
hydrog21 hydrog ?    ? A DT  8 O4    ? ? ? 1_555 B A   3 N6  ? ? A DT  8 B A   12  1_555 ? ? ? ? ? ? WATSON-CRICK ?     ? ? 
hydrog22 hydrog ?    ? A DC  9 N3    ? ? ? 1_555 B G   1 N1  ? ? A DC  9 B G   10  1_555 ? ? ? ? ? ? WATSON-CRICK ?     ? ? 
hydrog23 hydrog ?    ? A DC  9 N4    ? ? ? 1_555 B G   1 O6  ? ? A DC  9 B G   10  1_555 ? ? ? ? ? ? WATSON-CRICK ?     ? ? 
hydrog24 hydrog ?    ? A DC  9 O2    ? ? ? 1_555 B G   1 N2  ? ? A DC  9 B G   10  1_555 ? ? ? ? ? ? WATSON-CRICK ?     ? ? 
# 
loop_
_struct_conn_type.id 
_struct_conn_type.criteria 
_struct_conn_type.reference 
covale ? ? 
hydrog ? ? 
# 
loop_
_struct_site.id 
_struct_site.pdbx_evidence_code 
_struct_site.pdbx_auth_asym_id 
_struct_site.pdbx_auth_comp_id 
_struct_site.pdbx_auth_seq_id 
_struct_site.pdbx_auth_ins_code 
_struct_site.pdbx_num_residues 
_struct_site.details 
AC1 Software A CMY 102 ? 4 'BINDING SITE FOR RESIDUE CMY A 102' 
AC2 Software A CMY 105 ? 3 'BINDING SITE FOR RESIDUE CMY A 105' 
# 
loop_
_struct_site_gen.id 
_struct_site_gen.site_id 
_struct_site_gen.pdbx_num_res 
_struct_site_gen.label_comp_id 
_struct_site_gen.label_asym_id 
_struct_site_gen.label_seq_id 
_struct_site_gen.pdbx_auth_ins_code 
_struct_site_gen.auth_comp_id 
_struct_site_gen.auth_asym_id 
_struct_site_gen.auth_seq_id 
_struct_site_gen.label_atom_id 
_struct_site_gen.label_alt_id 
_struct_site_gen.symmetry 
_struct_site_gen.details 
1 AC1 4 DC  A 1 ? DC  A 1   . ? 1_555 ? 
2 AC1 4 OMU A 2 ? OMU A 2   . ? 1_555 ? 
3 AC1 4 A   B 8 ? A   B 17  . ? 1_555 ? 
4 AC1 4 G   B 9 ? G   B 18  . ? 1_555 ? 
5 AC2 3 DT  A 4 ? DT  A 4   . ? 1_555 ? 
6 AC2 3 OMU A 5 ? OMU A 5   . ? 1_555 ? 
7 AC2 3 HOH E . ? HOH A 116 . ? 1_555 ? 
# 
_atom_sites.entry_id                    2DQQ 
_atom_sites.fract_transf_matrix[1][1]   -0.00603326 
_atom_sites.fract_transf_matrix[1][2]   -0.01452286 
_atom_sites.fract_transf_matrix[1][3]   0.01539349 
_atom_sites.fract_transf_matrix[2][1]   0.01457917 
_atom_sites.fract_transf_matrix[2][2]   -0.00682551 
_atom_sites.fract_transf_matrix[2][3]   0.01500414 
_atom_sites.fract_transf_matrix[3][1]   -0.00633223 
_atom_sites.fract_transf_matrix[3][2]   0.01767476 
_atom_sites.fract_transf_matrix[3][3]   0.01419327 
_atom_sites.fract_transf_vector[1]      0.479023 
_atom_sites.fract_transf_vector[2]      0.409196 
_atom_sites.fract_transf_vector[3]      0.007971 
# 
loop_
_atom_type.symbol 
C 
N 
O 
P 
# 
loop_
_atom_site.group_PDB 
_atom_site.id 
_atom_site.type_symbol 
_atom_site.label_atom_id 
_atom_site.label_alt_id 
_atom_site.label_comp_id 
_atom_site.label_asym_id 
_atom_site.label_entity_id 
_atom_site.label_seq_id 
_atom_site.pdbx_PDB_ins_code 
_atom_site.Cartn_x 
_atom_site.Cartn_y 
_atom_site.Cartn_z 
_atom_site.occupancy 
_atom_site.B_iso_or_equiv 
_atom_site.pdbx_formal_charge 
_atom_site.auth_seq_id 
_atom_site.auth_comp_id 
_atom_site.auth_asym_id 
_atom_site.auth_atom_id 
_atom_site.pdbx_PDB_model_num 
ATOM   1   O "O5'" . DC  A 1 1 ? -6.048  5.373   11.241  1.00 45.77 ? 1   DC  A "O5'" 1 
ATOM   2   C "C5'" . DC  A 1 1 ? -5.988  6.748   11.640  1.00 44.43 ? 1   DC  A "C5'" 1 
ATOM   3   C "C4'" . DC  A 1 1 ? -4.938  7.515   10.870  1.00 41.90 ? 1   DC  A "C4'" 1 
ATOM   4   O "O4'" . DC  A 1 1 ? -3.634  7.293   11.470  1.00 40.80 ? 1   DC  A "O4'" 1 
ATOM   5   C "C3'" . DC  A 1 1 ? -4.819  7.081   9.405   1.00 41.73 ? 1   DC  A "C3'" 1 
ATOM   6   O "O3'" . DC  A 1 1 ? -4.709  8.178   8.505   1.00 40.04 ? 1   DC  A "O3'" 1 
ATOM   7   C "C2'" . DC  A 1 1 ? -3.514  6.322   9.364   1.00 42.15 ? 1   DC  A "C2'" 1 
ATOM   8   C "C1'" . DC  A 1 1 ? -2.701  7.003   10.441  1.00 41.43 ? 1   DC  A "C1'" 1 
ATOM   9   N N1    . DC  A 1 1 ? -1.652  6.107   10.964  1.00 38.51 ? 1   DC  A N1    1 
ATOM   10  C C2    . DC  A 1 1 ? -0.322  6.543   10.949  1.00 36.86 ? 1   DC  A C2    1 
ATOM   11  O O2    . DC  A 1 1 ? -0.078  7.721   10.655  1.00 35.24 ? 1   DC  A O2    1 
ATOM   12  N N3    . DC  A 1 1 ? 0.662   5.670   11.265  1.00 35.38 ? 1   DC  A N3    1 
ATOM   13  C C4    . DC  A 1 1 ? 0.358   4.422   11.620  1.00 36.51 ? 1   DC  A C4    1 
ATOM   14  N N4    . DC  A 1 1 ? 1.365   3.580   11.865  1.00 36.04 ? 1   DC  A N4    1 
ATOM   15  C C5    . DC  A 1 1 ? -0.991  3.976   11.726  1.00 36.75 ? 1   DC  A C5    1 
ATOM   16  C C6    . DC  A 1 1 ? -1.956  4.845   11.395  1.00 37.49 ? 1   DC  A C6    1 
HETATM 17  N N1    . OMU A 1 2 ? 1.187   7.498   7.075   1.00 29.38 ? 2   OMU A N1    1 
HETATM 18  C C2    . OMU A 1 2 ? 2.483   7.101   6.862   1.00 27.63 ? 2   OMU A C2    1 
HETATM 19  N N3    . OMU A 1 2 ? 2.716   5.760   7.064   1.00 24.86 ? 2   OMU A N3    1 
HETATM 20  C C4    . OMU A 1 2 ? 1.793   4.797   7.438   1.00 26.87 ? 2   OMU A C4    1 
HETATM 21  C C5    . OMU A 1 2 ? 0.425   5.268   7.592   1.00 28.19 ? 2   OMU A C5    1 
HETATM 22  C C6    . OMU A 1 2 ? 0.210   6.590   7.427   1.00 29.17 ? 2   OMU A C6    1 
HETATM 23  O O2    . OMU A 1 2 ? 3.365   7.877   6.518   1.00 27.25 ? 2   OMU A O2    1 
HETATM 24  O O4    . OMU A 1 2 ? 2.163   3.646   7.640   1.00 21.28 ? 2   OMU A O4    1 
HETATM 25  C "C1'" . OMU A 1 2 ? 0.902   8.947   6.914   1.00 31.79 ? 2   OMU A "C1'" 1 
HETATM 26  C "C2'" . OMU A 1 2 ? 0.819   9.415   5.456   1.00 31.91 ? 2   OMU A "C2'" 1 
HETATM 27  O "O2'" . OMU A 1 2 ? 1.338   10.730  5.340   1.00 32.90 ? 2   OMU A "O2'" 1 
HETATM 28  C CM2   . OMU A 1 2 ? 2.761   10.885  5.455   1.00 31.83 ? 2   OMU A CM2   1 
HETATM 29  C "C3'" . OMU A 1 2 ? -0.691  9.378   5.233   1.00 33.03 ? 2   OMU A "C3'" 1 
HETATM 30  C "C4'" . OMU A 1 2 ? -1.183  9.941   6.552   1.00 33.81 ? 2   OMU A "C4'" 1 
HETATM 31  O "O3'" . OMU A 1 2 ? -1.128  10.180  4.138   1.00 33.98 ? 2   OMU A "O3'" 1 
HETATM 32  O "O4'" . OMU A 1 2 ? -0.344  9.258   7.521   1.00 34.10 ? 2   OMU A "O4'" 1 
HETATM 33  C "C5'" . OMU A 1 2 ? -2.639  9.728   6.875   1.00 34.29 ? 2   OMU A "C5'" 1 
HETATM 34  O "O5'" . OMU A 1 2 ? -2.997  8.374   6.675   1.00 36.51 ? 2   OMU A "O5'" 1 
HETATM 35  P P     . OMU A 1 2 ? -4.492  7.894   6.936   1.00 39.21 ? 2   OMU A P     1 
HETATM 36  O OP1   . OMU A 1 2 ? -5.398  8.807   6.194   1.00 38.92 ? 2   OMU A OP1   1 
HETATM 37  O OP2   . OMU A 1 2 ? -4.555  6.433   6.679   1.00 38.62 ? 2   OMU A OP2   1 
ATOM   38  P P     . DC  A 1 3 ? -1.325  9.507   2.690   1.00 34.07 ? 3   DC  A P     1 
ATOM   39  O OP1   . DC  A 1 3 ? -2.021  10.486  1.817   1.00 32.71 ? 3   DC  A OP1   1 
ATOM   40  O OP2   . DC  A 1 3 ? -1.883  8.140   2.847   1.00 33.60 ? 3   DC  A OP2   1 
ATOM   41  O "O5'" . DC  A 1 3 ? 0.166   9.391   2.152   1.00 34.02 ? 3   DC  A "O5'" 1 
ATOM   42  C "C5'" . DC  A 1 3 ? 1.004   10.543  2.122   1.00 34.77 ? 3   DC  A "C5'" 1 
ATOM   43  C "C4'" . DC  A 1 3 ? 2.305   10.221  1.429   1.00 33.44 ? 3   DC  A "C4'" 1 
ATOM   44  O "O4'" . DC  A 1 3 ? 3.100   9.400   2.323   1.00 35.18 ? 3   DC  A "O4'" 1 
ATOM   45  C "C3'" . DC  A 1 3 ? 2.075   9.402   0.162   1.00 34.62 ? 3   DC  A "C3'" 1 
ATOM   46  O "O3'" . DC  A 1 3 ? 2.700   9.909   -1.005  1.00 32.63 ? 3   DC  A "O3'" 1 
ATOM   47  C "C2'" . DC  A 1 3 ? 2.640   8.033   0.468   1.00 34.81 ? 3   DC  A "C2'" 1 
ATOM   48  C "C1'" . DC  A 1 3 ? 3.543   8.221   1.671   1.00 34.29 ? 3   DC  A "C1'" 1 
ATOM   49  N N1    . DC  A 1 3 ? 3.312   7.083   2.568   1.00 33.42 ? 3   DC  A N1    1 
ATOM   50  C C2    . DC  A 1 3 ? 4.322   6.139   2.730   1.00 32.74 ? 3   DC  A C2    1 
ATOM   51  O O2    . DC  A 1 3 ? 5.444   6.375   2.257   1.00 32.64 ? 3   DC  A O2    1 
ATOM   52  N N3    . DC  A 1 3 ? 4.050   4.994   3.401   1.00 32.35 ? 3   DC  A N3    1 
ATOM   53  C C4    . DC  A 1 3 ? 2.836   4.798   3.926   1.00 31.97 ? 3   DC  A C4    1 
ATOM   54  N N4    . DC  A 1 3 ? 2.592   3.624   4.519   1.00 30.29 ? 3   DC  A N4    1 
ATOM   55  C C5    . DC  A 1 3 ? 1.815   5.787   3.850   1.00 31.41 ? 3   DC  A C5    1 
ATOM   56  C C6    . DC  A 1 3 ? 2.096   6.910   3.174   1.00 32.48 ? 3   DC  A C6    1 
ATOM   57  P P     . DT  A 1 4 ? 2.426   9.165   -2.398  1.00 31.79 ? 4   DT  A P     1 
ATOM   58  O OP1   . DT  A 1 4 ? 2.450   10.154  -3.499  1.00 30.73 ? 4   DT  A OP1   1 
ATOM   59  O OP2   . DT  A 1 4 ? 1.238   8.298   -2.204  1.00 31.49 ? 4   DT  A OP2   1 
ATOM   60  O "O5'" . DT  A 1 4 ? 3.675   8.198   -2.553  1.00 32.77 ? 4   DT  A "O5'" 1 
ATOM   61  C "C5'" . DT  A 1 4 ? 4.999   8.688   -2.410  1.00 31.71 ? 4   DT  A "C5'" 1 
ATOM   62  C "C4'" . DT  A 1 4 ? 5.967   7.581   -2.729  1.00 33.35 ? 4   DT  A "C4'" 1 
ATOM   63  O "O4'" . DT  A 1 4 ? 6.014   6.679   -1.591  1.00 32.32 ? 4   DT  A "O4'" 1 
ATOM   64  C "C3'" . DT  A 1 4 ? 5.415   6.773   -3.899  1.00 32.88 ? 4   DT  A "C3'" 1 
ATOM   65  O "O3'" . DT  A 1 4 ? 6.287   6.567   -4.987  1.00 33.40 ? 4   DT  A "O3'" 1 
ATOM   66  C "C2'" . DT  A 1 4 ? 5.068   5.424   -3.321  1.00 33.96 ? 4   DT  A "C2'" 1 
ATOM   67  C "C1'" . DT  A 1 4 ? 5.837   5.339   -2.025  1.00 32.64 ? 4   DT  A "C1'" 1 
ATOM   68  N N1    . DT  A 1 4 ? 4.974   4.636   -1.065  1.00 29.36 ? 4   DT  A N1    1 
ATOM   69  C C2    . DT  A 1 4 ? 5.416   3.460   -0.503  1.00 30.16 ? 4   DT  A C2    1 
ATOM   70  O O2    . DT  A 1 4 ? 6.545   3.023   -0.665  1.00 27.19 ? 4   DT  A O2    1 
ATOM   71  N N3    . DT  A 1 4 ? 4.476   2.807   0.258   1.00 26.56 ? 4   DT  A N3    1 
ATOM   72  C C4    . DT  A 1 4 ? 3.171   3.214   0.511   1.00 27.31 ? 4   DT  A C4    1 
ATOM   73  O O4    . DT  A 1 4 ? 2.419   2.500   1.174   1.00 21.95 ? 4   DT  A O4    1 
ATOM   74  C C5    . DT  A 1 4 ? 2.800   4.480   -0.064  1.00 28.62 ? 4   DT  A C5    1 
ATOM   75  C C7    . DT  A 1 4 ? 1.420   5.007   0.175   1.00 29.28 ? 4   DT  A C7    1 
ATOM   76  C C6    . DT  A 1 4 ? 3.711   5.128   -0.801  1.00 30.70 ? 4   DT  A C6    1 
HETATM 77  N N1    . OMU A 1 5 ? 5.288   1.046   -3.493  1.00 27.56 ? 5   OMU A N1    1 
HETATM 78  C C2    . OMU A 1 5 ? 4.930   -0.058  -2.766  1.00 28.00 ? 5   OMU A C2    1 
HETATM 79  N N3    . OMU A 1 5 ? 3.678   -0.008  -2.227  1.00 26.00 ? 5   OMU A N3    1 
HETATM 80  C C4    . OMU A 1 5 ? 2.758   1.005   -2.351  1.00 28.54 ? 5   OMU A C4    1 
HETATM 81  C C5    . OMU A 1 5 ? 3.177   2.139   -3.153  1.00 29.11 ? 5   OMU A C5    1 
HETATM 82  C C6    . OMU A 1 5 ? 4.424   2.105   -3.657  1.00 27.90 ? 5   OMU A C6    1 
HETATM 83  O O2    . OMU A 1 5 ? 5.663   -1.014  -2.617  1.00 26.49 ? 5   OMU A O2    1 
HETATM 84  O O4    . OMU A 1 5 ? 1.669   0.907   -1.791  1.00 28.43 ? 5   OMU A O4    1 
HETATM 85  C "C1'" . OMU A 1 5 ? 6.629   1.014   -4.106  1.00 29.88 ? 5   OMU A "C1'" 1 
HETATM 86  C "C2'" . OMU A 1 5 ? 6.584   0.307   -5.464  1.00 31.11 ? 5   OMU A "C2'" 1 
HETATM 87  O "O2'" . OMU A 1 5 ? 7.793   -0.396  -5.687  1.00 32.47 ? 5   OMU A "O2'" 1 
HETATM 88  C CM2   . OMU A 1 5 ? 7.909   -1.689  -5.075  1.00 31.10 ? 5   OMU A CM2   1 
HETATM 89  C "C3'" . OMU A 1 5 ? 6.423   1.502   -6.394  1.00 32.11 ? 5   OMU A "C3'" 1 
HETATM 90  C "C4'" . OMU A 1 5 ? 7.399   2.469   -5.758  1.00 32.15 ? 5   OMU A "C4'" 1 
HETATM 91  O "O3'" . OMU A 1 5 ? 6.762   1.223   -7.743  1.00 31.48 ? 5   OMU A "O3'" 1 
HETATM 92  O "O4'" . OMU A 1 5 ? 7.069   2.342   -4.351  1.00 30.58 ? 5   OMU A "O4'" 1 
HETATM 93  C "C5'" . OMU A 1 5 ? 7.321   3.905   -6.190  1.00 32.22 ? 5   OMU A "C5'" 1 
HETATM 94  O "O5'" . OMU A 1 5 ? 5.986   4.369   -6.134  1.00 31.67 ? 5   OMU A "O5'" 1 
HETATM 95  P P     . OMU A 1 5 ? 5.685   5.915   -6.318  1.00 33.70 ? 5   OMU A P     1 
HETATM 96  O OP1   . OMU A 1 5 ? 6.462   6.427   -7.475  1.00 35.16 ? 5   OMU A OP1   1 
HETATM 97  O OP2   . OMU A 1 5 ? 4.212   6.110   -6.272  1.00 34.21 ? 5   OMU A OP2   1 
ATOM   98  P P     . DC  A 1 6 ? 5.613   0.779   -8.779  1.00 33.34 ? 6   DC  A P     1 
ATOM   99  O OP1   . DC  A 1 6 ? 6.270   0.670   -10.112 1.00 31.10 ? 6   DC  A OP1   1 
ATOM   100 O OP2   . DC  A 1 6 ? 4.402   1.610   -8.634  1.00 31.27 ? 6   DC  A OP2   1 
ATOM   101 O "O5'" . DC  A 1 6 ? 5.276   -0.693  -8.289  1.00 28.99 ? 6   DC  A "O5'" 1 
ATOM   102 C "C5'" . DC  A 1 6 ? 6.316   -1.659  -8.191  1.00 29.35 ? 6   DC  A "C5'" 1 
ATOM   103 C "C4'" . DC  A 1 6 ? 5.721   -3.038  -8.089  1.00 31.01 ? 6   DC  A "C4'" 1 
ATOM   104 O "O4'" . DC  A 1 6 ? 5.323   -3.253  -6.712  1.00 31.70 ? 6   DC  A "O4'" 1 
ATOM   105 C "C3'" . DC  A 1 6 ? 4.449   -3.116  -8.921  1.00 30.32 ? 6   DC  A "C3'" 1 
ATOM   106 O "O3'" . DC  A 1 6 ? 4.458   -4.008  -10.009 1.00 30.38 ? 6   DC  A "O3'" 1 
ATOM   107 C "C2'" . DC  A 1 6 ? 3.358   -3.550  -7.970  1.00 31.11 ? 6   DC  A "C2'" 1 
ATOM   108 C "C1'" . DC  A 1 6 ? 4.029   -3.836  -6.648  1.00 31.08 ? 6   DC  A "C1'" 1 
ATOM   109 N N1    . DC  A 1 6 ? 3.228   -3.097  -5.670  1.00 27.87 ? 6   DC  A N1    1 
ATOM   110 C C2    . DC  A 1 6 ? 2.469   -3.806  -4.749  1.00 23.76 ? 6   DC  A C2    1 
ATOM   111 O O2    . DC  A 1 6 ? 2.634   -5.025  -4.650  1.00 26.06 ? 6   DC  A O2    1 
ATOM   112 N N3    . DC  A 1 6 ? 1.571   -3.147  -3.991  1.00 24.71 ? 6   DC  A N3    1 
ATOM   113 C C4    . DC  A 1 6 ? 1.433   -1.827  -4.118  1.00 22.80 ? 6   DC  A C4    1 
ATOM   114 N N4    . DC  A 1 6 ? 0.471   -1.236  -3.421  1.00 21.13 ? 6   DC  A N4    1 
ATOM   115 C C5    . DC  A 1 6 ? 2.266   -1.062  -4.986  1.00 25.58 ? 6   DC  A C5    1 
ATOM   116 C C6    . DC  A 1 6 ? 3.154   -1.732  -5.728  1.00 25.39 ? 6   DC  A C6    1 
ATOM   117 P P     . DT  A 1 7 ? 3.214   -3.958  -11.014 1.00 32.15 ? 7   DT  A P     1 
ATOM   118 O OP1   . DT  A 1 7 ? 3.660   -4.335  -12.379 1.00 28.54 ? 7   DT  A OP1   1 
ATOM   119 O OP2   . DT  A 1 7 ? 2.546   -2.649  -10.793 1.00 27.44 ? 7   DT  A OP2   1 
ATOM   120 O "O5'" . DT  A 1 7 ? 2.255   -5.075  -10.424 1.00 27.73 ? 7   DT  A "O5'" 1 
ATOM   121 C "C5'" . DT  A 1 7 ? 2.720   -6.402  -10.257 1.00 27.46 ? 7   DT  A "C5'" 1 
ATOM   122 C "C4'" . DT  A 1 7 ? 1.598   -7.273  -9.754  1.00 30.21 ? 7   DT  A "C4'" 1 
ATOM   123 O "O4'" . DT  A 1 7 ? 1.353   -6.932  -8.362  1.00 29.69 ? 7   DT  A "O4'" 1 
ATOM   124 C "C3'" . DT  A 1 7 ? 0.298   -6.992  -10.505 1.00 30.21 ? 7   DT  A "C3'" 1 
ATOM   125 O "O3'" . DT  A 1 7 ? -0.226  -8.076  -11.237 1.00 32.00 ? 7   DT  A "O3'" 1 
ATOM   126 C "C2'" . DT  A 1 7 ? -0.710  -6.623  -9.443  1.00 31.20 ? 7   DT  A "C2'" 1 
ATOM   127 C "C1'" . DT  A 1 7 ? -0.045  -6.891  -8.110  1.00 30.70 ? 7   DT  A "C1'" 1 
ATOM   128 N N1    . DT  A 1 7 ? -0.350  -5.707  -7.291  1.00 28.25 ? 7   DT  A N1    1 
ATOM   129 C C2    . DT  A 1 7 ? -1.165  -5.856  -6.197  1.00 28.51 ? 7   DT  A C2    1 
ATOM   130 O O2    . DT  A 1 7 ? -1.519  -6.946  -5.772  1.00 25.89 ? 7   DT  A O2    1 
ATOM   131 N N3    . DT  A 1 7 ? -1.558  -4.676  -5.617  1.00 28.30 ? 7   DT  A N3    1 
ATOM   132 C C4    . DT  A 1 7 ? -1.209  -3.395  -6.010  1.00 29.42 ? 7   DT  A C4    1 
ATOM   133 O O4    . DT  A 1 7 ? -1.686  -2.426  -5.432  1.00 30.97 ? 7   DT  A O4    1 
ATOM   134 C C5    . DT  A 1 7 ? -0.291  -3.320  -7.118  1.00 30.06 ? 7   DT  A C5    1 
ATOM   135 C C7    . DT  A 1 7 ? 0.168   -1.979  -7.595  1.00 31.86 ? 7   DT  A C7    1 
ATOM   136 C C6    . DT  A 1 7 ? 0.105   -4.467  -7.684  1.00 28.62 ? 7   DT  A C6    1 
ATOM   137 P P     . DT  A 1 8 ? -1.481  -7.808  -12.203 1.00 31.27 ? 8   DT  A P     1 
ATOM   138 O OP1   . DT  A 1 8 ? -1.329  -8.662  -13.402 1.00 32.15 ? 8   DT  A OP1   1 
ATOM   139 O OP2   . DT  A 1 8 ? -1.617  -6.340  -12.363 1.00 30.77 ? 8   DT  A OP2   1 
ATOM   140 O "O5'" . DT  A 1 8 ? -2.717  -8.290  -11.324 1.00 28.01 ? 8   DT  A "O5'" 1 
ATOM   141 C "C5'" . DT  A 1 8 ? -2.617  -9.420  -10.465 1.00 28.20 ? 8   DT  A "C5'" 1 
ATOM   142 C "C4'" . DT  A 1 8 ? -3.955  -9.681  -9.817  1.00 29.46 ? 8   DT  A "C4'" 1 
ATOM   143 O "O4'" . DT  A 1 8 ? -4.034  -8.957  -8.557  1.00 30.94 ? 8   DT  A "O4'" 1 
ATOM   144 C "C3'" . DT  A 1 8 ? -5.086  -9.153  -10.701 1.00 31.14 ? 8   DT  A "C3'" 1 
ATOM   145 O "O3'" . DT  A 1 8 ? -6.082  -10.092 -11.081 1.00 32.53 ? 8   DT  A "O3'" 1 
ATOM   146 C "C2'" . DT  A 1 8 ? -5.736  -8.048  -9.901  1.00 30.30 ? 8   DT  A "C2'" 1 
ATOM   147 C "C1'" . DT  A 1 8 ? -5.271  -8.257  -8.471  1.00 32.25 ? 8   DT  A "C1'" 1 
ATOM   148 N N1    . DT  A 1 8 ? -5.024  -6.920  -7.908  1.00 29.05 ? 8   DT  A N1    1 
ATOM   149 C C2    . DT  A 1 8 ? -5.685  -6.521  -6.764  1.00 28.95 ? 8   DT  A C2    1 
ATOM   150 O O2    . DT  A 1 8 ? -6.374  -7.266  -6.083  1.00 28.45 ? 8   DT  A O2    1 
ATOM   151 N N3    . DT  A 1 8 ? -5.510  -5.202  -6.445  1.00 30.88 ? 8   DT  A N3    1 
ATOM   152 C C4    . DT  A 1 8 ? -4.746  -4.267  -7.124  1.00 31.27 ? 8   DT  A C4    1 
ATOM   153 O O4    . DT  A 1 8 ? -4.729  -3.100  -6.745  1.00 32.66 ? 8   DT  A O4    1 
ATOM   154 C C5    . DT  A 1 8 ? -4.025  -4.774  -8.264  1.00 30.56 ? 8   DT  A C5    1 
ATOM   155 C C7    . DT  A 1 8 ? -3.140  -3.848  -9.037  1.00 30.24 ? 8   DT  A C7    1 
ATOM   156 C C6    . DT  A 1 8 ? -4.187  -6.061  -8.587  1.00 29.15 ? 8   DT  A C6    1 
ATOM   157 P P     . DC  A 1 9 ? -7.141  -9.656  -12.205 1.00 32.66 ? 9   DC  A P     1 
ATOM   158 O OP1   . DC  A 1 9 ? -7.472  -10.844 -13.036 1.00 35.37 ? 9   DC  A OP1   1 
ATOM   159 O OP2   . DC  A 1 9 ? -6.598  -8.442  -12.855 1.00 31.63 ? 9   DC  A OP2   1 
ATOM   160 O "O5'" . DC  A 1 9 ? -8.417  -9.215  -11.359 1.00 33.11 ? 9   DC  A "O5'" 1 
ATOM   161 C "C5'" . DC  A 1 9 ? -8.977  -10.083 -10.382 1.00 32.64 ? 9   DC  A "C5'" 1 
ATOM   162 C "C4'" . DC  A 1 9 ? -10.050 -9.368  -9.594  1.00 32.26 ? 9   DC  A "C4'" 1 
ATOM   163 O "O4'" . DC  A 1 9 ? -9.449  -8.311  -8.810  1.00 32.23 ? 9   DC  A "O4'" 1 
ATOM   164 C "C3'" . DC  A 1 9 ? -11.157 -8.723  -10.435 1.00 33.11 ? 9   DC  A "C3'" 1 
ATOM   165 O "O3'" . DC  A 1 9 ? -12.451 -9.289  -10.215 1.00 36.35 ? 9   DC  A "O3'" 1 
ATOM   166 C "C2'" . DC  A 1 9 ? -11.062 -7.239  -10.137 1.00 33.30 ? 9   DC  A "C2'" 1 
ATOM   167 C "C1'" . DC  A 1 9 ? -10.262 -7.152  -8.842  1.00 34.16 ? 9   DC  A "C1'" 1 
ATOM   168 N N1    . DC  A 1 9 ? -9.372  -5.980  -8.848  1.00 33.20 ? 9   DC  A N1    1 
ATOM   169 C C2    . DC  A 1 9 ? -9.618  -4.928  -7.955  1.00 33.06 ? 9   DC  A C2    1 
ATOM   170 O O2    . DC  A 1 9 ? -10.517 -5.055  -7.107  1.00 31.41 ? 9   DC  A O2    1 
ATOM   171 N N3    . DC  A 1 9 ? -8.865  -3.808  -8.036  1.00 32.22 ? 9   DC  A N3    1 
ATOM   172 C C4    . DC  A 1 9 ? -7.887  -3.724  -8.945  1.00 31.68 ? 9   DC  A C4    1 
ATOM   173 N N4    . DC  A 1 9 ? -7.193  -2.590  -9.019  1.00 30.84 ? 9   DC  A N4    1 
ATOM   174 C C5    . DC  A 1 9 ? -7.586  -4.798  -9.826  1.00 33.68 ? 9   DC  A C5    1 
ATOM   175 C C6    . DC  A 1 9 ? -8.343  -5.897  -9.742  1.00 32.97 ? 9   DC  A C6    1 
ATOM   176 O "O5'" . G   B 2 1 ? -10.863 5.363   -3.657  1.00 42.71 ? 10  G   B "O5'" 1 
ATOM   177 C "C5'" . G   B 2 1 ? -12.225 5.449   -3.205  1.00 41.46 ? 10  G   B "C5'" 1 
ATOM   178 C "C4'" . G   B 2 1 ? -13.005 4.162   -3.384  1.00 40.86 ? 10  G   B "C4'" 1 
ATOM   179 O "O4'" . G   B 2 1 ? -13.061 3.810   -4.793  1.00 39.50 ? 10  G   B "O4'" 1 
ATOM   180 C "C3'" . G   B 2 1 ? -12.410 2.923   -2.733  1.00 39.59 ? 10  G   B "C3'" 1 
ATOM   181 O "O3'" . G   B 2 1 ? -12.731 2.854   -1.352  1.00 41.88 ? 10  G   B "O3'" 1 
ATOM   182 C "C2'" . G   B 2 1 ? -13.091 1.812   -3.520  1.00 39.09 ? 10  G   B "C2'" 1 
ATOM   183 O "O2'" . G   B 2 1 ? -14.437 1.616   -3.124  1.00 37.01 ? 10  G   B "O2'" 1 
ATOM   184 C "C1'" . G   B 2 1 ? -13.059 2.396   -4.932  1.00 37.83 ? 10  G   B "C1'" 1 
ATOM   185 N N9    . G   B 2 1 ? -11.858 2.007   -5.663  1.00 35.83 ? 10  G   B N9    1 
ATOM   186 C C8    . G   B 2 1 ? -10.902 2.838   -6.203  1.00 35.95 ? 10  G   B C8    1 
ATOM   187 N N7    . G   B 2 1 ? -9.944  2.188   -6.812  1.00 34.48 ? 10  G   B N7    1 
ATOM   188 C C5    . G   B 2 1 ? -10.290 0.851   -6.663  1.00 34.78 ? 10  G   B C5    1 
ATOM   189 C C6    . G   B 2 1 ? -9.641  -0.322  -7.121  1.00 34.25 ? 10  G   B C6    1 
ATOM   190 O O6    . G   B 2 1 ? -8.601  -0.420  -7.781  1.00 33.29 ? 10  G   B O6    1 
ATOM   191 N N1    . G   B 2 1 ? -10.329 -1.469  -6.740  1.00 32.98 ? 10  G   B N1    1 
ATOM   192 C C2    . G   B 2 1 ? -11.491 -1.488  -6.012  1.00 34.14 ? 10  G   B C2    1 
ATOM   193 N N2    . G   B 2 1 ? -11.992 -2.700  -5.720  1.00 31.21 ? 10  G   B N2    1 
ATOM   194 N N3    . G   B 2 1 ? -12.116 -0.403  -5.594  1.00 35.37 ? 10  G   B N3    1 
ATOM   195 C C4    . G   B 2 1 ? -11.464 0.723   -5.950  1.00 34.45 ? 10  G   B C4    1 
ATOM   196 P P     . A   B 2 2 ? -11.751 2.066   -0.349  1.00 43.72 ? 11  A   B P     1 
ATOM   197 O OP1   . A   B 2 2 ? -12.297 2.254   1.019   1.00 44.13 ? 11  A   B OP1   1 
ATOM   198 O OP2   . A   B 2 2 ? -10.349 2.456   -0.639  1.00 43.74 ? 11  A   B OP2   1 
ATOM   199 O "O5'" . A   B 2 2 ? -11.922 0.535   -0.760  1.00 42.43 ? 11  A   B "O5'" 1 
ATOM   200 C "C5'" . A   B 2 2 ? -13.110 -0.180  -0.434  1.00 42.01 ? 11  A   B "C5'" 1 
ATOM   201 C "C4'" . A   B 2 2 ? -12.881 -1.662  -0.601  1.00 42.11 ? 11  A   B "C4'" 1 
ATOM   202 O "O4'" . A   B 2 2 ? -12.667 -1.951  -2.008  1.00 40.12 ? 11  A   B "O4'" 1 
ATOM   203 C "C3'" . A   B 2 2 ? -11.633 -2.203  0.082   1.00 42.25 ? 11  A   B "C3'" 1 
ATOM   204 O "O3'" . A   B 2 2 ? -11.860 -2.502  1.454   1.00 45.90 ? 11  A   B "O3'" 1 
ATOM   205 C "C2'" . A   B 2 2 ? -11.352 -3.456  -0.732  1.00 42.04 ? 11  A   B "C2'" 1 
ATOM   206 O "O2'" . A   B 2 2 ? -12.212 -4.529  -0.402  1.00 41.43 ? 11  A   B "O2'" 1 
ATOM   207 C "C1'" . A   B 2 2 ? -11.684 -2.966  -2.140  1.00 40.42 ? 11  A   B "C1'" 1 
ATOM   208 N N9    . A   B 2 2 ? -10.521 -2.399  -2.821  1.00 38.59 ? 11  A   B N9    1 
ATOM   209 C C8    . A   B 2 2 ? -10.159 -1.082  -2.938  1.00 37.49 ? 11  A   B C8    1 
ATOM   210 N N7    . A   B 2 2 ? -9.066  -0.894  -3.637  1.00 37.66 ? 11  A   B N7    1 
ATOM   211 C C5    . A   B 2 2 ? -8.681  -2.176  -4.002  1.00 38.07 ? 11  A   B C5    1 
ATOM   212 C C6    . A   B 2 2 ? -7.601  -2.658  -4.763  1.00 37.95 ? 11  A   B C6    1 
ATOM   213 N N6    . A   B 2 2 ? -6.685  -1.871  -5.326  1.00 36.00 ? 11  A   B N6    1 
ATOM   214 N N1    . A   B 2 2 ? -7.498  -3.995  -4.933  1.00 37.43 ? 11  A   B N1    1 
ATOM   215 C C2    . A   B 2 2 ? -8.431  -4.785  -4.374  1.00 38.53 ? 11  A   B C2    1 
ATOM   216 N N3    . A   B 2 2 ? -9.497  -4.448  -3.646  1.00 37.82 ? 11  A   B N3    1 
ATOM   217 C C4    . A   B 2 2 ? -9.563  -3.114  -3.496  1.00 38.51 ? 11  A   B C4    1 
ATOM   218 P P     . A   B 2 3 ? -10.645 -2.382  2.509   1.00 47.98 ? 12  A   B P     1 
ATOM   219 O OP1   . A   B 2 3 ? -11.213 -2.771  3.826   1.00 48.34 ? 12  A   B OP1   1 
ATOM   220 O OP2   . A   B 2 3 ? -9.975  -1.064  2.354   1.00 47.84 ? 12  A   B OP2   1 
ATOM   221 O "O5'" . A   B 2 3 ? -9.623  -3.515  2.053   1.00 45.98 ? 12  A   B "O5'" 1 
ATOM   222 C "C5'" . A   B 2 3 ? -10.011 -4.877  2.115   1.00 44.58 ? 12  A   B "C5'" 1 
ATOM   223 C "C4'" . A   B 2 3 ? -9.036  -5.762  1.372   1.00 41.96 ? 12  A   B "C4'" 1 
ATOM   224 O "O4'" . A   B 2 3 ? -8.945  -5.370  -0.025  1.00 42.12 ? 12  A   B "O4'" 1 
ATOM   225 C "C3'" . A   B 2 3 ? -7.579  -5.760  1.793   1.00 40.62 ? 12  A   B "C3'" 1 
ATOM   226 O "O3'" . A   B 2 3 ? -7.361  -6.473  3.007   1.00 39.35 ? 12  A   B "O3'" 1 
ATOM   227 C "C2'" . A   B 2 3 ? -6.952  -6.484  0.607   1.00 39.13 ? 12  A   B "C2'" 1 
ATOM   228 O "O2'" . A   B 2 3 ? -7.227  -7.869  0.637   1.00 37.47 ? 12  A   B "O2'" 1 
ATOM   229 C "C1'" . A   B 2 3 ? -7.721  -5.862  -0.560  1.00 38.55 ? 12  A   B "C1'" 1 
ATOM   230 N N9    . A   B 2 3 ? -6.975  -4.758  -1.167  1.00 35.51 ? 12  A   B N9    1 
ATOM   231 C C8    . A   B 2 3 ? -7.103  -3.409  -0.960  1.00 36.36 ? 12  A   B C8    1 
ATOM   232 N N7    . A   B 2 3 ? -6.249  -2.686  -1.648  1.00 35.22 ? 12  A   B N7    1 
ATOM   233 C C5    . A   B 2 3 ? -5.513  -3.627  -2.359  1.00 34.43 ? 12  A   B C5    1 
ATOM   234 C C6    . A   B 2 3 ? -4.444  -3.509  -3.269  1.00 32.63 ? 12  A   B C6    1 
ATOM   235 N N6    . A   B 2 3 ? -3.899  -2.346  -3.636  1.00 30.34 ? 12  A   B N6    1 
ATOM   236 N N1    . A   B 2 3 ? -3.944  -4.647  -3.795  1.00 32.47 ? 12  A   B N1    1 
ATOM   237 C C2    . A   B 2 3 ? -4.477  -5.811  -3.426  1.00 32.46 ? 12  A   B C2    1 
ATOM   238 N N3    . A   B 2 3 ? -5.472  -6.052  -2.584  1.00 33.69 ? 12  A   B N3    1 
ATOM   239 C C4    . A   B 2 3 ? -5.955  -4.904  -2.076  1.00 34.25 ? 12  A   B C4    1 
ATOM   240 P P     . G   B 2 4 ? -6.034  -6.182  3.871   1.00 40.08 ? 13  G   B P     1 
ATOM   241 O OP1   . G   B 2 4 ? -6.232  -6.816  5.201   1.00 41.05 ? 13  G   B OP1   1 
ATOM   242 O OP2   . G   B 2 4 ? -5.702  -4.735  3.794   1.00 35.68 ? 13  G   B OP2   1 
ATOM   243 O "O5'" . G   B 2 4 ? -4.907  -6.993  3.097   1.00 35.48 ? 13  G   B "O5'" 1 
ATOM   244 C "C5'" . G   B 2 4 ? -4.944  -8.414  3.051   1.00 34.96 ? 13  G   B "C5'" 1 
ATOM   245 C "C4'" . G   B 2 4 ? -3.856  -8.932  2.152   1.00 33.42 ? 13  G   B "C4'" 1 
ATOM   246 O "O4'" . G   B 2 4 ? -4.073  -8.422  0.811   1.00 33.10 ? 13  G   B "O4'" 1 
ATOM   247 C "C3'" . G   B 2 4 ? -2.452  -8.452  2.488   1.00 33.61 ? 13  G   B "C3'" 1 
ATOM   248 O "O3'" . G   B 2 4 ? -1.866  -9.228  3.515   1.00 32.67 ? 13  G   B "O3'" 1 
ATOM   249 C "C2'" . G   B 2 4 ? -1.734  -8.641  1.161   1.00 31.96 ? 13  G   B "C2'" 1 
ATOM   250 O "O2'" . G   B 2 4 ? -1.390  -9.985  0.899   1.00 35.32 ? 13  G   B "O2'" 1 
ATOM   251 C "C1'" . G   B 2 4 ? -2.819  -8.197  0.184   1.00 32.05 ? 13  G   B "C1'" 1 
ATOM   252 N N9    . G   B 2 4 ? -2.696  -6.779  -0.120  1.00 29.41 ? 13  G   B N9    1 
ATOM   253 C C8    . G   B 2 4 ? -3.426  -5.736  0.398   1.00 29.74 ? 13  G   B C8    1 
ATOM   254 N N7    . G   B 2 4 ? -3.068  -4.574  -0.082  1.00 30.08 ? 13  G   B N7    1 
ATOM   255 C C5    . G   B 2 4 ? -2.041  -4.872  -0.970  1.00 27.44 ? 13  G   B C5    1 
ATOM   256 C C6    . G   B 2 4 ? -1.261  -4.026  -1.799  1.00 27.32 ? 13  G   B C6    1 
ATOM   257 O O6    . G   B 2 4 ? -1.323  -2.800  -1.926  1.00 28.06 ? 13  G   B O6    1 
ATOM   258 N N1    . G   B 2 4 ? -0.329  -4.748  -2.534  1.00 27.84 ? 13  G   B N1    1 
ATOM   259 C C2    . G   B 2 4 ? -0.161  -6.110  -2.480  1.00 27.98 ? 13  G   B C2    1 
ATOM   260 N N2    . G   B 2 4 ? 0.808   -6.623  -3.253  1.00 30.98 ? 13  G   B N2    1 
ATOM   261 N N3    . G   B 2 4 ? -0.884  -6.911  -1.721  1.00 27.72 ? 13  G   B N3    1 
ATOM   262 C C4    . G   B 2 4 ? -1.799  -6.228  -0.998  1.00 29.29 ? 13  G   B C4    1 
ATOM   263 P P     . A   B 2 5 ? -0.718  -8.583  4.431   1.00 33.39 ? 14  A   B P     1 
ATOM   264 O OP1   . A   B 2 5 ? -0.309  -9.656  5.379   1.00 33.09 ? 14  A   B OP1   1 
ATOM   265 O OP2   . A   B 2 5 ? -1.178  -7.279  4.944   1.00 30.91 ? 14  A   B OP2   1 
ATOM   266 O "O5'" . A   B 2 5 ? 0.484   -8.323  3.420   1.00 30.42 ? 14  A   B "O5'" 1 
ATOM   267 C "C5'" . A   B 2 5 ? 1.192   -9.418  2.849   1.00 28.11 ? 14  A   B "C5'" 1 
ATOM   268 C "C4'" . A   B 2 5 ? 2.289   -8.921  1.935   1.00 27.57 ? 14  A   B "C4'" 1 
ATOM   269 O "O4'" . A   B 2 5 ? 1.709   -8.202  0.815   1.00 25.05 ? 14  A   B "O4'" 1 
ATOM   270 C "C3'" . A   B 2 5 ? 3.254   -7.910  2.522   1.00 27.31 ? 14  A   B "C3'" 1 
ATOM   271 O "O3'" . A   B 2 5 ? 4.228   -8.540  3.340   1.00 30.34 ? 14  A   B "O3'" 1 
ATOM   272 C "C2'" . A   B 2 5 ? 3.855   -7.317  1.256   1.00 26.82 ? 14  A   B "C2'" 1 
ATOM   273 O "O2'" . A   B 2 5 ? 4.757   -8.212  0.636   1.00 27.33 ? 14  A   B "O2'" 1 
ATOM   274 C "C1'" . A   B 2 5 ? 2.609   -7.198  0.375   1.00 25.31 ? 14  A   B "C1'" 1 
ATOM   275 N N9    . A   B 2 5 ? 1.963   -5.893  0.516   1.00 22.36 ? 14  A   B N9    1 
ATOM   276 C C8    . A   B 2 5 ? 0.893   -5.544  1.304   1.00 19.69 ? 14  A   B C8    1 
ATOM   277 N N7    . A   B 2 5 ? 0.578   -4.272  1.235   1.00 19.96 ? 14  A   B N7    1 
ATOM   278 C C5    . A   B 2 5 ? 1.493   -3.750  0.330   1.00 21.74 ? 14  A   B C5    1 
ATOM   279 C C6    . A   B 2 5 ? 1.693   -2.455  -0.174  1.00 21.96 ? 14  A   B C6    1 
ATOM   280 N N6    . A   B 2 5 ? 0.940   -1.404  0.162   1.00 21.67 ? 14  A   B N6    1 
ATOM   281 N N1    . A   B 2 5 ? 2.704   -2.270  -1.051  1.00 23.43 ? 14  A   B N1    1 
ATOM   282 C C2    . A   B 2 5 ? 3.451   -3.327  -1.396  1.00 23.34 ? 14  A   B C2    1 
ATOM   283 N N3    . A   B 2 5 ? 3.358   -4.593  -0.997  1.00 22.62 ? 14  A   B N3    1 
ATOM   284 C C4    . A   B 2 5 ? 2.350   -4.738  -0.123  1.00 21.99 ? 14  A   B C4    1 
ATOM   285 P P     . A   B 2 6 ? 4.856   -7.741  4.584   1.00 33.47 ? 15  A   B P     1 
ATOM   286 O OP1   . A   B 2 6 ? 5.483   -8.744  5.483   1.00 34.98 ? 15  A   B OP1   1 
ATOM   287 O OP2   . A   B 2 6 ? 3.840   -6.809  5.125   1.00 31.41 ? 15  A   B OP2   1 
ATOM   288 O "O5'" . A   B 2 6 ? 6.012   -6.869  3.927   1.00 31.09 ? 15  A   B "O5'" 1 
ATOM   289 C "C5'" . A   B 2 6 ? 7.121   -7.499  3.299   1.00 31.04 ? 15  A   B "C5'" 1 
ATOM   290 C "C4'" . A   B 2 6 ? 7.840   -6.520  2.399   1.00 29.88 ? 15  A   B "C4'" 1 
ATOM   291 O "O4'" . A   B 2 6 ? 6.912   -6.039  1.384   1.00 28.77 ? 15  A   B "O4'" 1 
ATOM   292 C "C3'" . A   B 2 6 ? 8.326   -5.235  3.054   1.00 30.31 ? 15  A   B "C3'" 1 
ATOM   293 O "O3'" . A   B 2 6 ? 9.563   -5.399  3.729   1.00 32.65 ? 15  A   B "O3'" 1 
ATOM   294 C "C2'" . A   B 2 6 ? 8.479   -4.333  1.845   1.00 28.85 ? 15  A   B "C2'" 1 
ATOM   295 O "O2'" . A   B 2 6 ? 9.609   -4.679  1.074   1.00 29.16 ? 15  A   B "O2'" 1 
ATOM   296 C "C1'" . A   B 2 6 ? 7.212   -4.688  1.070   1.00 27.75 ? 15  A   B "C1'" 1 
ATOM   297 N N9    . A   B 2 6 ? 6.098   -3.850  1.509   1.00 26.26 ? 15  A   B N9    1 
ATOM   298 C C8    . A   B 2 6 ? 5.050   -4.157  2.348   1.00 26.53 ? 15  A   B C8    1 
ATOM   299 N N7    . A   B 2 6 ? 4.220   -3.158  2.540   1.00 26.78 ? 15  A   B N7    1 
ATOM   300 C C5    . A   B 2 6 ? 4.759   -2.125  1.778   1.00 24.83 ? 15  A   B C5    1 
ATOM   301 C C6    . A   B 2 6 ? 4.348   -0.796  1.553   1.00 24.84 ? 15  A   B C6    1 
ATOM   302 N N6    . A   B 2 6 ? 3.252   -0.257  2.093   1.00 24.65 ? 15  A   B N6    1 
ATOM   303 N N1    . A   B 2 6 ? 5.112   -0.032  0.740   1.00 26.82 ? 15  A   B N1    1 
ATOM   304 C C2    . A   B 2 6 ? 6.212   -0.575  0.194   1.00 26.90 ? 15  A   B C2    1 
ATOM   305 N N3    . A   B 2 6 ? 6.698   -1.809  0.327   1.00 24.22 ? 15  A   B N3    1 
ATOM   306 C C4    . A   B 2 6 ? 5.915   -2.539  1.141   1.00 25.21 ? 15  A   B C4    1 
ATOM   307 P P     . G   B 2 7 ? 9.927   -4.427  4.958   1.00 34.35 ? 16  G   B P     1 
ATOM   308 O OP1   . G   B 2 7 ? 11.143  -4.982  5.604   1.00 35.13 ? 16  G   B OP1   1 
ATOM   309 O OP2   . G   B 2 7 ? 8.698   -4.214  5.762   1.00 30.86 ? 16  G   B OP2   1 
ATOM   310 O "O5'" . G   B 2 7 ? 10.322  -3.057  4.257   1.00 35.60 ? 16  G   B "O5'" 1 
ATOM   311 C "C5'" . G   B 2 7 ? 11.491  -2.971  3.459   1.00 34.61 ? 16  G   B "C5'" 1 
ATOM   312 C "C4'" . G   B 2 7 ? 11.673  -1.564  2.964   1.00 34.67 ? 16  G   B "C4'" 1 
ATOM   313 O "O4'" . G   B 2 7 ? 10.547  -1.217  2.111   1.00 34.01 ? 16  G   B "O4'" 1 
ATOM   314 C "C3'" . G   B 2 7 ? 11.657  -0.485  4.032   1.00 34.40 ? 16  G   B "C3'" 1 
ATOM   315 O "O3'" . G   B 2 7 ? 12.921  -0.346  4.677   1.00 34.25 ? 16  G   B "O3'" 1 
ATOM   316 C "C2'" . G   B 2 7 ? 11.283  0.739   3.209   1.00 32.45 ? 16  G   B "C2'" 1 
ATOM   317 O "O2'" . G   B 2 7 ? 12.347  1.190   2.398   1.00 33.59 ? 16  G   B "O2'" 1 
ATOM   318 C "C1'" . G   B 2 7 ? 10.214  0.148   2.294   1.00 30.78 ? 16  G   B "C1'" 1 
ATOM   319 N N9    . G   B 2 7 ? 8.882   0.217   2.884   1.00 28.55 ? 16  G   B N9    1 
ATOM   320 C C8    . G   B 2 7 ? 8.195   -0.798  3.509   1.00 28.52 ? 16  G   B C8    1 
ATOM   321 N N7    . G   B 2 7 ? 7.008   -0.437  3.915   1.00 26.19 ? 16  G   B N7    1 
ATOM   322 C C5    . G   B 2 7 ? 6.908   0.898   3.539   1.00 25.96 ? 16  G   B C5    1 
ATOM   323 C C6    . G   B 2 7 ? 5.848   1.816   3.704   1.00 26.13 ? 16  G   B C6    1 
ATOM   324 O O6    . G   B 2 7 ? 4.739   1.627   4.223   1.00 24.93 ? 16  G   B O6    1 
ATOM   325 N N1    . G   B 2 7 ? 6.169   3.070   3.185   1.00 26.08 ? 16  G   B N1    1 
ATOM   326 C C2    . G   B 2 7 ? 7.361   3.396   2.577   1.00 27.28 ? 16  G   B C2    1 
ATOM   327 N N2    . G   B 2 7 ? 7.489   4.666   2.149   1.00 25.73 ? 16  G   B N2    1 
ATOM   328 N N3    . G   B 2 7 ? 8.354   2.539   2.405   1.00 28.09 ? 16  G   B N3    1 
ATOM   329 C C4    . G   B 2 7 ? 8.061   1.317   2.909   1.00 27.22 ? 16  G   B C4    1 
ATOM   330 P P     . A   B 2 8 ? 12.976  0.126   6.214   1.00 35.96 ? 17  A   B P     1 
ATOM   331 O OP1   . A   B 2 8 ? 14.411  0.118   6.627   1.00 35.66 ? 17  A   B OP1   1 
ATOM   332 O OP2   . A   B 2 8 ? 11.983  -0.652  7.000   1.00 33.47 ? 17  A   B OP2   1 
ATOM   333 O "O5'" . A   B 2 8 ? 12.474  1.635   6.161   1.00 32.21 ? 17  A   B "O5'" 1 
ATOM   334 C "C5'" . A   B 2 8 ? 13.154  2.599   5.370   1.00 33.45 ? 17  A   B "C5'" 1 
ATOM   335 C "C4'" . A   B 2 8 ? 12.304  3.841   5.205   1.00 34.05 ? 17  A   B "C4'" 1 
ATOM   336 O "O4'" . A   B 2 8 ? 11.042  3.485   4.572   1.00 31.34 ? 17  A   B "O4'" 1 
ATOM   337 C "C3'" . A   B 2 8 ? 11.858  4.535   6.481   1.00 32.90 ? 17  A   B "C3'" 1 
ATOM   338 O "O3'" . A   B 2 8 ? 12.861  5.380   7.027   1.00 33.59 ? 17  A   B "O3'" 1 
ATOM   339 C "C2'" . A   B 2 8 ? 10.685  5.362   5.982   1.00 31.75 ? 17  A   B "C2'" 1 
ATOM   340 O "O2'" . A   B 2 8 ? 11.098  6.536   5.310   1.00 30.49 ? 17  A   B "O2'" 1 
ATOM   341 C "C1'" . A   B 2 8 ? 10.032  4.384   5.003   1.00 30.66 ? 17  A   B "C1'" 1 
ATOM   342 N N9    . A   B 2 8 ? 8.972   3.618   5.657   1.00 28.32 ? 17  A   B N9    1 
ATOM   343 C C8    . A   B 2 8 ? 8.991   2.329   6.133   1.00 29.38 ? 17  A   B C8    1 
ATOM   344 N N7    . A   B 2 8 ? 7.861   1.955   6.688   1.00 28.45 ? 17  A   B N7    1 
ATOM   345 C C5    . A   B 2 8 ? 7.044   3.072   6.560   1.00 27.11 ? 17  A   B C5    1 
ATOM   346 C C6    . A   B 2 8 ? 5.717   3.326   6.946   1.00 26.74 ? 17  A   B C6    1 
ATOM   347 N N6    . A   B 2 8 ? 4.936   2.436   7.568   1.00 24.92 ? 17  A   B N6    1 
ATOM   348 N N1    . A   B 2 8 ? 5.209   4.546   6.671   1.00 26.09 ? 17  A   B N1    1 
ATOM   349 C C2    . A   B 2 8 ? 5.985   5.441   6.048   1.00 28.61 ? 17  A   B C2    1 
ATOM   350 N N3    . A   B 2 8 ? 7.242   5.321   5.636   1.00 26.68 ? 17  A   B N3    1 
ATOM   351 C C4    . A   B 2 8 ? 7.718   4.100   5.928   1.00 28.40 ? 17  A   B C4    1 
ATOM   352 P P     . G   B 2 9 ? 12.816  5.749   8.593   1.00 35.23 ? 18  G   B P     1 
ATOM   353 O OP1   . G   B 2 9 ? 14.032  6.539   8.890   1.00 35.15 ? 18  G   B OP1   1 
ATOM   354 O OP2   . G   B 2 9 ? 12.548  4.495   9.340   1.00 31.14 ? 18  G   B OP2   1 
ATOM   355 O "O5'" . G   B 2 9 ? 11.535  6.687   8.761   1.00 34.02 ? 18  G   B "O5'" 1 
ATOM   356 C "C5'" . G   B 2 9 ? 11.464  7.944   8.109   1.00 34.45 ? 18  G   B "C5'" 1 
ATOM   357 C "C4'" . G   B 2 9 ? 10.106  8.585   8.323   1.00 35.05 ? 18  G   B "C4'" 1 
ATOM   358 O "O4'" . G   B 2 9 ? 9.046   7.711   7.860   1.00 33.58 ? 18  G   B "O4'" 1 
ATOM   359 C "C3'" . G   B 2 9 ? 9.655   8.874   9.743   1.00 34.81 ? 18  G   B "C3'" 1 
ATOM   360 O "O3'" . G   B 2 9 ? 10.380  9.939   10.359  1.00 38.44 ? 18  G   B "O3'" 1 
ATOM   361 C "C2'" . G   B 2 9 ? 8.168   9.151   9.533   1.00 33.22 ? 18  G   B "C2'" 1 
ATOM   362 O "O2'" . G   B 2 9 ? 7.904   10.444  9.019   1.00 32.38 ? 18  G   B "O2'" 1 
ATOM   363 C "C1'" . G   B 2 9 ? 7.824   8.120   8.456   1.00 31.42 ? 18  G   B "C1'" 1 
ATOM   364 N N9    . G   B 2 9 ? 7.134   6.953   8.990   1.00 28.80 ? 18  G   B N9    1 
ATOM   365 C C8    . G   B 2 9 ? 7.654   5.703   9.224   1.00 29.04 ? 18  G   B C8    1 
ATOM   366 N N7    . G   B 2 9 ? 6.782   4.875   9.740   1.00 29.44 ? 18  G   B N7    1 
ATOM   367 C C5    . G   B 2 9 ? 5.616   5.624   9.844   1.00 27.74 ? 18  G   B C5    1 
ATOM   368 C C6    . G   B 2 9 ? 4.338   5.271   10.346  1.00 27.40 ? 18  G   B C6    1 
ATOM   369 O O6    . G   B 2 9 ? 3.969   4.194   10.818  1.00 26.00 ? 18  G   B O6    1 
ATOM   370 N N1    . G   B 2 9 ? 3.447   6.333   10.271  1.00 24.04 ? 18  G   B N1    1 
ATOM   371 C C2    . G   B 2 9 ? 3.741   7.577   9.776   1.00 26.45 ? 18  G   B C2    1 
ATOM   372 N N2    . G   B 2 9 ? 2.732   8.467   9.779   1.00 24.98 ? 18  G   B N2    1 
ATOM   373 N N3    . G   B 2 9 ? 4.932   7.924   9.309   1.00 25.88 ? 18  G   B N3    1 
ATOM   374 C C4    . G   B 2 9 ? 5.815   6.904   9.376   1.00 27.14 ? 18  G   B C4    1 
HETATM 375 O O1Y   . CMY C 3 . ? -1.894  4.720   8.046   1.00 31.40 ? 102 CMY A O1Y   1 
HETATM 376 C C1Y   . CMY C 3 . ? -0.741  4.313   7.915   1.00 31.91 ? 102 CMY A C1Y   1 
HETATM 377 N N1Y   . CMY C 3 . ? -0.378  2.865   8.034   1.00 36.21 ? 102 CMY A N1Y   1 
HETATM 378 C C2Y   . CMY C 3 . ? -1.592  2.116   8.427   1.00 40.08 ? 102 CMY A C2Y   1 
HETATM 379 C C3Y   . CMY C 3 . ? -1.372  0.573   8.553   1.00 44.32 ? 102 CMY A C3Y   1 
HETATM 380 C C4Y   . CMY C 3 . ? -0.294  0.135   9.586   1.00 49.11 ? 102 CMY A C4Y   1 
HETATM 381 C C5Y   . CMY C 3 . ? 1.101   0.674   9.219   1.00 52.22 ? 102 CMY A C5Y   1 
HETATM 382 C C6Y   . CMY C 3 . ? 2.106   0.185   10.282  1.00 54.09 ? 102 CMY A C6Y   1 
HETATM 383 C C7Y   . CMY C 3 . ? 3.519   0.685   9.939   1.00 54.95 ? 102 CMY A C7Y   1 
HETATM 384 N N2Y   . CMY C 3 . ? 3.531   2.146   9.907   1.00 56.79 ? 102 CMY A N2Y   1 
HETATM 385 O O1Y   . CMY D 3 . ? 2.568   4.291   -4.106  1.00 32.89 ? 105 CMY A O1Y   1 
HETATM 386 C C1Y   . CMY D 3 . ? 2.234   3.313   -3.423  1.00 32.54 ? 105 CMY A C1Y   1 
HETATM 387 N N1Y   . CMY D 3 . ? 0.876   3.155   -2.783  1.00 35.98 ? 105 CMY A N1Y   1 
HETATM 388 C C2Y   . CMY D 3 . ? -0.032  4.322   -3.073  1.00 39.12 ? 105 CMY A C2Y   1 
HETATM 389 C C3Y   . CMY D 3 . ? -0.275  4.474   -4.591  1.00 45.99 ? 105 CMY A C3Y   1 
HETATM 390 C C4Y   . CMY D 3 . ? -0.943  3.200   -5.146  1.00 50.41 ? 105 CMY A C4Y   1 
HETATM 391 C C5Y   . CMY D 3 . ? -1.218  3.267   -6.708  1.00 53.73 ? 105 CMY A C5Y   1 
HETATM 392 C C6Y   . CMY D 3 . ? 0.082   3.430   -7.607  1.00 56.44 ? 105 CMY A C6Y   1 
HETATM 393 C C7Y   . CMY D 3 . ? 0.880   4.719   -7.323  1.00 57.34 ? 105 CMY A C7Y   1 
HETATM 394 N N2Y   . CMY D 3 . ? 2.054   4.760   -8.205  1.00 59.37 ? 105 CMY A N2Y   1 
HETATM 395 O O     . HOH E 4 . ? 8.756   7.978   -7.206  1.00 30.44 ? 106 HOH A O     1 
HETATM 396 O O     . HOH E 4 . ? 2.114   0.053   -9.865  1.00 25.92 ? 107 HOH A O     1 
HETATM 397 O O     . HOH E 4 . ? -7.805  -9.638  -15.308 1.00 35.71 ? 108 HOH A O     1 
HETATM 398 O O     . HOH E 4 . ? -3.965  -0.940  -7.815  1.00 42.29 ? 109 HOH A O     1 
HETATM 399 O O     . HOH E 4 . ? 0.225   12.945  4.764   1.00 32.07 ? 110 HOH A O     1 
HETATM 400 O O     . HOH E 4 . ? -5.380  -7.262  -14.868 1.00 36.93 ? 111 HOH A O     1 
HETATM 401 O O     . HOH E 4 . ? 2.731   2.068   -6.422  1.00 49.58 ? 112 HOH A O     1 
HETATM 402 O O     . HOH E 4 . ? -6.872  10.459  7.898   1.00 39.67 ? 113 HOH A O     1 
HETATM 403 O O     . HOH E 4 . ? 5.871   5.528   -9.819  1.00 45.86 ? 114 HOH A O     1 
HETATM 404 O O     . HOH E 4 . ? -0.090  2.159   1.095   1.00 37.83 ? 115 HOH A O     1 
HETATM 405 O O     . HOH E 4 . ? -1.532  0.204   -5.232  1.00 36.48 ? 116 HOH A O     1 
HETATM 406 O O     . HOH E 4 . ? -1.269  0.209   -1.535  1.00 45.17 ? 117 HOH A O     1 
HETATM 407 O O     . HOH E 4 . ? -2.342  -0.862  -10.083 1.00 37.66 ? 118 HOH A O     1 
HETATM 408 O O     . HOH E 4 . ? -2.975  -9.242  -15.525 1.00 47.69 ? 119 HOH A O     1 
HETATM 409 O O     . HOH E 4 . ? -5.258  2.608   12.273  1.00 37.48 ? 120 HOH A O     1 
HETATM 410 O O     . HOH E 4 . ? -0.016  -6.866  -15.843 1.00 47.88 ? 121 HOH A O     1 
HETATM 411 O O     . HOH E 4 . ? -8.581  8.797   9.615   1.00 48.15 ? 122 HOH A O     1 
HETATM 412 O O     . HOH E 4 . ? 6.023   6.375   -12.454 1.00 56.12 ? 123 HOH A O     1 
HETATM 413 O O     . HOH E 4 . ? -4.895  -11.686 -16.919 1.00 51.48 ? 124 HOH A O     1 
HETATM 414 O O     . HOH E 4 . ? -2.263  10.813  -0.679  1.00 42.90 ? 125 HOH A O     1 
HETATM 415 O O     . HOH E 4 . ? 8.467   7.079   -11.873 1.00 50.59 ? 126 HOH A O     1 
HETATM 416 O O     . HOH E 4 . ? -10.706 10.454  8.585   1.00 38.54 ? 127 HOH A O     1 
HETATM 417 O O     . HOH E 4 . ? -0.508  3.325   4.414   1.00 45.07 ? 128 HOH A O     1 
HETATM 418 O O     . HOH E 4 . ? -9.380  7.981   12.273  1.00 51.76 ? 129 HOH A O     1 
HETATM 419 O O     . HOH E 4 . ? -7.693  7.385   4.588   1.00 55.64 ? 130 HOH A O     1 
HETATM 420 O O     . HOH E 4 . ? -8.572  7.296   7.335   1.00 57.39 ? 131 HOH A O     1 
HETATM 421 O O     . HOH F 4 . ? 6.898   1.888   10.301  1.00 29.75 ? 19  HOH B O     1 
HETATM 422 O O     . HOH F 4 . ? 3.293   -0.066  5.664   1.00 34.37 ? 20  HOH B O     1 
HETATM 423 O O     . HOH F 4 . ? 9.836   3.864   9.134   1.00 37.32 ? 21  HOH B O     1 
HETATM 424 O O     . HOH F 4 . ? 8.877   -1.389  7.198   1.00 41.07 ? 22  HOH B O     1 
HETATM 425 O O     . HOH F 4 . ? -15.577 -0.257  -4.545  1.00 27.12 ? 23  HOH B O     1 
HETATM 426 O O     . HOH F 4 . ? 5.427   -6.570  -1.385  1.00 31.23 ? 24  HOH B O     1 
HETATM 427 O O     . HOH F 4 . ? -16.376 2.162   -0.898  1.00 32.57 ? 25  HOH B O     1 
HETATM 428 O O     . HOH F 4 . ? 9.841   12.780  10.183  1.00 34.30 ? 26  HOH B O     1 
HETATM 429 O O     . HOH F 4 . ? 17.207  0.169   6.754   1.00 40.96 ? 27  HOH B O     1 
HETATM 430 O O     . HOH F 4 . ? 13.951  2.410   10.779  1.00 53.01 ? 28  HOH B O     1 
HETATM 431 O O     . HOH F 4 . ? 1.210   -1.707  3.710   1.00 37.39 ? 29  HOH B O     1 
HETATM 432 O O     . HOH F 4 . ? -11.928 -5.386  4.684   1.00 38.97 ? 30  HOH B O     1 
HETATM 433 O O     . HOH F 4 . ? -10.364 1.550   2.994   1.00 52.50 ? 31  HOH B O     1 
HETATM 434 O O     . HOH F 4 . ? -14.273 -2.519  -4.051  1.00 42.86 ? 32  HOH B O     1 
HETATM 435 O O     . HOH F 4 . ? -0.501  0.300   2.662   1.00 43.15 ? 33  HOH B O     1 
HETATM 436 O O     . HOH F 4 . ? -3.223  0.526   3.888   1.00 42.08 ? 34  HOH B O     1 
HETATM 437 O O     . HOH F 4 . ? -6.107  -8.636  -1.966  1.00 37.22 ? 35  HOH B O     1 
HETATM 438 O O     . HOH F 4 . ? -4.276  -2.367  1.137   1.00 49.60 ? 36  HOH B O     1 
HETATM 439 O O     . HOH F 4 . ? -13.441 -4.357  2.755   1.00 52.77 ? 37  HOH B O     1 
HETATM 440 O O     . HOH F 4 . ? -18.495 1.912   -2.193  1.00 32.86 ? 38  HOH B O     1 
HETATM 441 O O     . HOH F 4 . ? -4.721  0.977   6.779   1.00 47.47 ? 39  HOH B O     1 
HETATM 442 O O     . HOH F 4 . ? 10.486  -8.532  3.339   1.00 44.46 ? 40  HOH B O     1 
HETATM 443 O O     . HOH F 4 . ? 16.478  0.827   9.430   1.00 56.80 ? 41  HOH B O     1 
HETATM 444 O O     . HOH F 4 . ? -4.450  -9.275  6.963   1.00 46.79 ? 42  HOH B O     1 
HETATM 445 O O     . HOH F 4 . ? 2.206   -8.331  7.629   1.00 46.38 ? 43  HOH B O     1 
HETATM 446 O O     . HOH F 4 . ? 15.371  0.034   3.514   1.00 56.76 ? 44  HOH B O     1 
HETATM 447 O O     . HOH F 4 . ? -9.253  -0.112  5.687   1.00 58.94 ? 45  HOH B O     1 
HETATM 448 O O     . HOH F 4 . ? -7.825  5.239   -4.027  1.00 55.08 ? 46  HOH B O     1 
HETATM 449 O O     . HOH F 4 . ? -14.853 -5.347  6.127   1.00 47.67 ? 47  HOH B O     1 
HETATM 450 O O     . HOH F 4 . ? -9.892  6.079   -6.302  1.00 47.28 ? 48  HOH B O     1 
HETATM 451 O O     . HOH F 4 . ? -6.584  0.943   4.612   1.00 50.27 ? 49  HOH B O     1 
HETATM 452 O O     . HOH F 4 . ? 10.021  0.751   9.355   1.00 35.12 ? 50  HOH B O     1 
HETATM 453 O O     . HOH F 4 . ? -11.802 0.106   6.438   1.00 52.84 ? 51  HOH B O     1 
HETATM 454 O O     . HOH F 4 . ? -8.927  2.345   -3.191  1.00 50.32 ? 52  HOH B O     1 
HETATM 455 O O     . HOH F 4 . ? -4.082  5.958   -5.959  1.00 54.29 ? 53  HOH B O     1 
HETATM 456 O O     . HOH F 4 . ? -11.457 -1.655  9.302   1.00 44.98 ? 54  HOH B O     1 
# 
loop_
_pdbx_poly_seq_scheme.asym_id 
_pdbx_poly_seq_scheme.entity_id 
_pdbx_poly_seq_scheme.seq_id 
_pdbx_poly_seq_scheme.mon_id 
_pdbx_poly_seq_scheme.ndb_seq_num 
_pdbx_poly_seq_scheme.pdb_seq_num 
_pdbx_poly_seq_scheme.auth_seq_num 
_pdbx_poly_seq_scheme.pdb_mon_id 
_pdbx_poly_seq_scheme.auth_mon_id 
_pdbx_poly_seq_scheme.pdb_strand_id 
_pdbx_poly_seq_scheme.pdb_ins_code 
_pdbx_poly_seq_scheme.hetero 
A 1 1 DC  1 1  1  DC  CYT A . n 
A 1 2 OMU 2 2  2  OMU THY A . n 
A 1 3 DC  3 3  3  DC  CYT A . n 
A 1 4 DT  4 4  4  DT  THY A . n 
A 1 5 OMU 5 5  5  OMU THY A . n 
A 1 6 DC  6 6  6  DC  CYT A . n 
A 1 7 DT  7 7  7  DT  THY A . n 
A 1 8 DT  8 8  8  DT  THY A . n 
A 1 9 DC  9 9  9  DC  CYT A . n 
B 2 1 G   1 10 10 G   GUA B . n 
B 2 2 A   2 11 11 A   ADE B . n 
B 2 3 A   3 12 12 A   ADE B . n 
B 2 4 G   4 13 13 G   GUA B . n 
B 2 5 A   5 14 14 A   ADE B . n 
B 2 6 A   6 15 15 A   ADE B . n 
B 2 7 G   7 16 16 G   GUA B . n 
B 2 8 A   8 17 17 A   ADE B . n 
B 2 9 G   9 18 18 G   GUA B . n 
# 
loop_
_pdbx_nonpoly_scheme.asym_id 
_pdbx_nonpoly_scheme.entity_id 
_pdbx_nonpoly_scheme.mon_id 
_pdbx_nonpoly_scheme.ndb_seq_num 
_pdbx_nonpoly_scheme.pdb_seq_num 
_pdbx_nonpoly_scheme.auth_seq_num 
_pdbx_nonpoly_scheme.pdb_mon_id 
_pdbx_nonpoly_scheme.auth_mon_id 
_pdbx_nonpoly_scheme.pdb_strand_id 
_pdbx_nonpoly_scheme.pdb_ins_code 
C 3 CMY 1  102 2  CMY THY A . 
D 3 CMY 1  105 5  CMY THY A . 
E 4 HOH 1  106 2  HOH HOH A . 
E 4 HOH 2  107 3  HOH HOH A . 
E 4 HOH 3  108 4  HOH HOH A . 
E 4 HOH 4  109 5  HOH HOH A . 
E 4 HOH 5  110 7  HOH HOH A . 
E 4 HOH 6  111 13 HOH HOH A . 
E 4 HOH 7  112 15 HOH HOH A . 
E 4 HOH 8  113 16 HOH HOH A . 
E 4 HOH 9  114 20 HOH HOH A . 
E 4 HOH 10 115 21 HOH HOH A . 
E 4 HOH 11 116 26 HOH HOH A . 
E 4 HOH 12 117 29 HOH HOH A . 
E 4 HOH 13 118 32 HOH HOH A . 
E 4 HOH 14 119 33 HOH HOH A . 
E 4 HOH 15 120 35 HOH HOH A . 
E 4 HOH 16 121 36 HOH HOH A . 
E 4 HOH 17 122 37 HOH HOH A . 
E 4 HOH 18 123 40 HOH HOH A . 
E 4 HOH 19 124 48 HOH HOH A . 
E 4 HOH 20 125 49 HOH HOH A . 
E 4 HOH 21 126 50 HOH HOH A . 
E 4 HOH 22 127 51 HOH HOH A . 
E 4 HOH 23 128 52 HOH HOH A . 
E 4 HOH 24 129 53 HOH HOH A . 
E 4 HOH 25 130 58 HOH HOH A . 
E 4 HOH 26 131 60 HOH HOH A . 
F 4 HOH 1  19  1  HOH HOH B . 
F 4 HOH 2  20  6  HOH HOH B . 
F 4 HOH 3  21  8  HOH HOH B . 
F 4 HOH 4  22  9  HOH HOH B . 
F 4 HOH 5  23  10 HOH HOH B . 
F 4 HOH 6  24  11 HOH HOH B . 
F 4 HOH 7  25  12 HOH HOH B . 
F 4 HOH 8  26  14 HOH HOH B . 
F 4 HOH 9  27  17 HOH HOH B . 
F 4 HOH 10 28  18 HOH HOH B . 
F 4 HOH 11 29  19 HOH HOH B . 
F 4 HOH 12 30  22 HOH HOH B . 
F 4 HOH 13 31  23 HOH HOH B . 
F 4 HOH 14 32  24 HOH HOH B . 
F 4 HOH 15 33  25 HOH HOH B . 
F 4 HOH 16 34  27 HOH HOH B . 
F 4 HOH 17 35  28 HOH HOH B . 
F 4 HOH 18 36  30 HOH HOH B . 
F 4 HOH 19 37  31 HOH HOH B . 
F 4 HOH 20 38  34 HOH HOH B . 
F 4 HOH 21 39  38 HOH HOH B . 
F 4 HOH 22 40  39 HOH HOH B . 
F 4 HOH 23 41  41 HOH HOH B . 
F 4 HOH 24 42  42 HOH HOH B . 
F 4 HOH 25 43  43 HOH HOH B . 
F 4 HOH 26 44  44 HOH HOH B . 
F 4 HOH 27 45  45 HOH HOH B . 
F 4 HOH 28 46  46 HOH HOH B . 
F 4 HOH 29 47  47 HOH HOH B . 
F 4 HOH 30 48  54 HOH HOH B . 
F 4 HOH 31 49  55 HOH HOH B . 
F 4 HOH 32 50  56 HOH HOH B . 
F 4 HOH 33 51  57 HOH HOH B . 
F 4 HOH 34 52  59 HOH HOH B . 
F 4 HOH 35 53  61 HOH HOH B . 
F 4 HOH 36 54  62 HOH HOH B . 
# 
loop_
_pdbx_struct_mod_residue.id 
_pdbx_struct_mod_residue.label_asym_id 
_pdbx_struct_mod_residue.label_comp_id 
_pdbx_struct_mod_residue.label_seq_id 
_pdbx_struct_mod_residue.auth_asym_id 
_pdbx_struct_mod_residue.auth_comp_id 
_pdbx_struct_mod_residue.auth_seq_id 
_pdbx_struct_mod_residue.PDB_ins_code 
_pdbx_struct_mod_residue.parent_comp_id 
_pdbx_struct_mod_residue.details 
1 A OMU 2 A OMU 2 ? U 
;O2'-METHYLURIDINE 5'-MONOPHOSPHATE
;
2 A OMU 5 A OMU 5 ? U 
;O2'-METHYLURIDINE 5'-MONOPHOSPHATE
;
# 
_pdbx_struct_assembly.id                   1 
_pdbx_struct_assembly.details              author_defined_assembly 
_pdbx_struct_assembly.method_details       ? 
_pdbx_struct_assembly.oligomeric_details   dimeric 
_pdbx_struct_assembly.oligomeric_count     2 
# 
_pdbx_struct_assembly_gen.assembly_id       1 
_pdbx_struct_assembly_gen.oper_expression   1 
_pdbx_struct_assembly_gen.asym_id_list      A,B,C,D,E,F 
# 
_pdbx_struct_oper_list.id                   1 
_pdbx_struct_oper_list.type                 'identity operation' 
_pdbx_struct_oper_list.name                 1_555 
_pdbx_struct_oper_list.symmetry_operation   x,y,z 
_pdbx_struct_oper_list.matrix[1][1]         1.0000000000 
_pdbx_struct_oper_list.matrix[1][2]         0.0000000000 
_pdbx_struct_oper_list.matrix[1][3]         0.0000000000 
_pdbx_struct_oper_list.vector[1]            0.0000000000 
_pdbx_struct_oper_list.matrix[2][1]         0.0000000000 
_pdbx_struct_oper_list.matrix[2][2]         1.0000000000 
_pdbx_struct_oper_list.matrix[2][3]         0.0000000000 
_pdbx_struct_oper_list.vector[2]            0.0000000000 
_pdbx_struct_oper_list.matrix[3][1]         0.0000000000 
_pdbx_struct_oper_list.matrix[3][2]         0.0000000000 
_pdbx_struct_oper_list.matrix[3][3]         1.0000000000 
_pdbx_struct_oper_list.vector[3]            0.0000000000 
# 
loop_
_pdbx_audit_revision_history.ordinal 
_pdbx_audit_revision_history.data_content_type 
_pdbx_audit_revision_history.major_revision 
_pdbx_audit_revision_history.minor_revision 
_pdbx_audit_revision_history.revision_date 
1 'Structure model' 1 0 2007-04-17 
2 'Structure model' 1 1 2007-12-26 
3 'Structure model' 1 2 2011-07-13 
4 'Structure model' 1 3 2021-02-17 
5 'Structure model' 1 4 2023-10-25 
# 
_pdbx_audit_revision_details.ordinal             1 
_pdbx_audit_revision_details.revision_ordinal    1 
_pdbx_audit_revision_details.data_content_type   'Structure model' 
_pdbx_audit_revision_details.provider            repository 
_pdbx_audit_revision_details.type                'Initial release' 
_pdbx_audit_revision_details.description         ? 
_pdbx_audit_revision_details.details             ? 
# 
loop_
_pdbx_audit_revision_group.ordinal 
_pdbx_audit_revision_group.revision_ordinal 
_pdbx_audit_revision_group.data_content_type 
_pdbx_audit_revision_group.group 
1 2 'Structure model' 'Version format compliance' 
2 3 'Structure model' 'Version format compliance' 
3 4 'Structure model' 'Derived calculations'      
4 4 'Structure model' 'Source and taxonomy'       
5 5 'Structure model' 'Data collection'           
6 5 'Structure model' 'Database references'       
7 5 'Structure model' 'Refinement description'    
# 
loop_
_pdbx_audit_revision_category.ordinal 
_pdbx_audit_revision_category.revision_ordinal 
_pdbx_audit_revision_category.data_content_type 
_pdbx_audit_revision_category.category 
1 4 'Structure model' pdbx_entity_src_syn           
2 4 'Structure model' struct_conn                   
3 4 'Structure model' struct_site                   
4 5 'Structure model' chem_comp_atom                
5 5 'Structure model' chem_comp_bond                
6 5 'Structure model' database_2                    
7 5 'Structure model' pdbx_initial_refinement_model 
# 
loop_
_pdbx_audit_revision_item.ordinal 
_pdbx_audit_revision_item.revision_ordinal 
_pdbx_audit_revision_item.data_content_type 
_pdbx_audit_revision_item.item 
1  4 'Structure model' '_pdbx_entity_src_syn.details'             
2  4 'Structure model' '_pdbx_entity_src_syn.ncbi_taxonomy_id'    
3  4 'Structure model' '_pdbx_entity_src_syn.organism_scientific' 
4  4 'Structure model' '_struct_conn.pdbx_dist_value'             
5  4 'Structure model' '_struct_conn.pdbx_leaving_atom_flag'      
6  4 'Structure model' '_struct_conn.ptnr1_auth_comp_id'          
7  4 'Structure model' '_struct_conn.ptnr1_auth_seq_id'           
8  4 'Structure model' '_struct_conn.ptnr1_label_atom_id'         
9  4 'Structure model' '_struct_conn.ptnr1_label_comp_id'         
10 4 'Structure model' '_struct_conn.ptnr1_label_seq_id'          
11 4 'Structure model' '_struct_conn.ptnr2_auth_comp_id'          
12 4 'Structure model' '_struct_conn.ptnr2_auth_seq_id'           
13 4 'Structure model' '_struct_conn.ptnr2_label_asym_id'         
14 4 'Structure model' '_struct_conn.ptnr2_label_atom_id'         
15 4 'Structure model' '_struct_conn.ptnr2_label_comp_id'         
16 4 'Structure model' '_struct_conn.ptnr2_label_seq_id'          
17 4 'Structure model' '_struct_site.pdbx_auth_asym_id'           
18 4 'Structure model' '_struct_site.pdbx_auth_comp_id'           
19 4 'Structure model' '_struct_site.pdbx_auth_seq_id'            
20 5 'Structure model' '_database_2.pdbx_DOI'                     
21 5 'Structure model' '_database_2.pdbx_database_accession'      
# 
loop_
_software.name 
_software.classification 
_software.version 
_software.citation_id 
_software.pdbx_ordinal 
DENZO     'data reduction' .   ? 1 
SCALEPACK 'data scaling'   .   ? 2 
AMoRE     phasing          .   ? 3 
CNS       refinement       1.1 ? 4 
# 
loop_
_pdbx_validate_planes.id 
_pdbx_validate_planes.PDB_model_num 
_pdbx_validate_planes.auth_comp_id 
_pdbx_validate_planes.auth_asym_id 
_pdbx_validate_planes.auth_seq_id 
_pdbx_validate_planes.PDB_ins_code 
_pdbx_validate_planes.label_alt_id 
_pdbx_validate_planes.rmsd 
_pdbx_validate_planes.type 
1 1 DC A 1 ? ? 0.072 'SIDE CHAIN' 
2 1 DC A 3 ? ? 0.079 'SIDE CHAIN' 
3 1 DC A 6 ? ? 0.090 'SIDE CHAIN' 
4 1 DT A 7 ? ? 0.076 'SIDE CHAIN' 
5 1 DT A 8 ? ? 0.069 'SIDE CHAIN' 
# 
loop_
_chem_comp_atom.comp_id 
_chem_comp_atom.atom_id 
_chem_comp_atom.type_symbol 
_chem_comp_atom.pdbx_aromatic_flag 
_chem_comp_atom.pdbx_stereo_config 
_chem_comp_atom.pdbx_ordinal 
A   OP3    O N N 1   
A   P      P N N 2   
A   OP1    O N N 3   
A   OP2    O N N 4   
A   "O5'"  O N N 5   
A   "C5'"  C N N 6   
A   "C4'"  C N R 7   
A   "O4'"  O N N 8   
A   "C3'"  C N S 9   
A   "O3'"  O N N 10  
A   "C2'"  C N R 11  
A   "O2'"  O N N 12  
A   "C1'"  C N R 13  
A   N9     N Y N 14  
A   C8     C Y N 15  
A   N7     N Y N 16  
A   C5     C Y N 17  
A   C6     C Y N 18  
A   N6     N N N 19  
A   N1     N Y N 20  
A   C2     C Y N 21  
A   N3     N Y N 22  
A   C4     C Y N 23  
A   HOP3   H N N 24  
A   HOP2   H N N 25  
A   "H5'"  H N N 26  
A   "H5''" H N N 27  
A   "H4'"  H N N 28  
A   "H3'"  H N N 29  
A   "HO3'" H N N 30  
A   "H2'"  H N N 31  
A   "HO2'" H N N 32  
A   "H1'"  H N N 33  
A   H8     H N N 34  
A   H61    H N N 35  
A   H62    H N N 36  
A   H2     H N N 37  
CMY O1Y    O N N 38  
CMY C1Y    C N N 39  
CMY N1Y    N N N 40  
CMY C2Y    C N N 41  
CMY C3Y    C N N 42  
CMY C4Y    C N N 43  
CMY C5Y    C N N 44  
CMY C6Y    C N N 45  
CMY C7Y    C N N 46  
CMY N2Y    N N N 47  
CMY O1     O N N 48  
CMY H1Y    H N N 49  
CMY H1     H N N 50  
CMY H2Y1   H N N 51  
CMY H2Y2   H N N 52  
CMY H3Y1   H N N 53  
CMY H3Y2   H N N 54  
CMY H4Y1   H N N 55  
CMY H4Y2   H N N 56  
CMY H5Y1   H N N 57  
CMY H5Y2   H N N 58  
CMY H6Y1   H N N 59  
CMY H6Y2   H N N 60  
CMY H7Y1   H N N 61  
CMY H7Y2   H N N 62  
CMY H11    H N N 63  
CMY H12    H N N 64  
DC  OP3    O N N 65  
DC  P      P N N 66  
DC  OP1    O N N 67  
DC  OP2    O N N 68  
DC  "O5'"  O N N 69  
DC  "C5'"  C N N 70  
DC  "C4'"  C N R 71  
DC  "O4'"  O N N 72  
DC  "C3'"  C N S 73  
DC  "O3'"  O N N 74  
DC  "C2'"  C N N 75  
DC  "C1'"  C N R 76  
DC  N1     N N N 77  
DC  C2     C N N 78  
DC  O2     O N N 79  
DC  N3     N N N 80  
DC  C4     C N N 81  
DC  N4     N N N 82  
DC  C5     C N N 83  
DC  C6     C N N 84  
DC  HOP3   H N N 85  
DC  HOP2   H N N 86  
DC  "H5'"  H N N 87  
DC  "H5''" H N N 88  
DC  "H4'"  H N N 89  
DC  "H3'"  H N N 90  
DC  "HO3'" H N N 91  
DC  "H2'"  H N N 92  
DC  "H2''" H N N 93  
DC  "H1'"  H N N 94  
DC  H41    H N N 95  
DC  H42    H N N 96  
DC  H5     H N N 97  
DC  H6     H N N 98  
DT  OP3    O N N 99  
DT  P      P N N 100 
DT  OP1    O N N 101 
DT  OP2    O N N 102 
DT  "O5'"  O N N 103 
DT  "C5'"  C N N 104 
DT  "C4'"  C N R 105 
DT  "O4'"  O N N 106 
DT  "C3'"  C N S 107 
DT  "O3'"  O N N 108 
DT  "C2'"  C N N 109 
DT  "C1'"  C N R 110 
DT  N1     N N N 111 
DT  C2     C N N 112 
DT  O2     O N N 113 
DT  N3     N N N 114 
DT  C4     C N N 115 
DT  O4     O N N 116 
DT  C5     C N N 117 
DT  C7     C N N 118 
DT  C6     C N N 119 
DT  HOP3   H N N 120 
DT  HOP2   H N N 121 
DT  "H5'"  H N N 122 
DT  "H5''" H N N 123 
DT  "H4'"  H N N 124 
DT  "H3'"  H N N 125 
DT  "HO3'" H N N 126 
DT  "H2'"  H N N 127 
DT  "H2''" H N N 128 
DT  "H1'"  H N N 129 
DT  H3     H N N 130 
DT  H71    H N N 131 
DT  H72    H N N 132 
DT  H73    H N N 133 
DT  H6     H N N 134 
G   OP3    O N N 135 
G   P      P N N 136 
G   OP1    O N N 137 
G   OP2    O N N 138 
G   "O5'"  O N N 139 
G   "C5'"  C N N 140 
G   "C4'"  C N R 141 
G   "O4'"  O N N 142 
G   "C3'"  C N S 143 
G   "O3'"  O N N 144 
G   "C2'"  C N R 145 
G   "O2'"  O N N 146 
G   "C1'"  C N R 147 
G   N9     N Y N 148 
G   C8     C Y N 149 
G   N7     N Y N 150 
G   C5     C Y N 151 
G   C6     C N N 152 
G   O6     O N N 153 
G   N1     N N N 154 
G   C2     C N N 155 
G   N2     N N N 156 
G   N3     N N N 157 
G   C4     C Y N 158 
G   HOP3   H N N 159 
G   HOP2   H N N 160 
G   "H5'"  H N N 161 
G   "H5''" H N N 162 
G   "H4'"  H N N 163 
G   "H3'"  H N N 164 
G   "HO3'" H N N 165 
G   "H2'"  H N N 166 
G   "HO2'" H N N 167 
G   "H1'"  H N N 168 
G   H8     H N N 169 
G   H1     H N N 170 
G   H21    H N N 171 
G   H22    H N N 172 
HOH O      O N N 173 
HOH H1     H N N 174 
HOH H2     H N N 175 
OMU N1     N N N 176 
OMU C2     C N N 177 
OMU N3     N N N 178 
OMU C4     C N N 179 
OMU C5     C N N 180 
OMU C6     C N N 181 
OMU O2     O N N 182 
OMU O4     O N N 183 
OMU "C1'"  C N R 184 
OMU "C2'"  C N R 185 
OMU "O2'"  O N N 186 
OMU CM2    C N N 187 
OMU "C3'"  C N R 188 
OMU "C4'"  C N R 189 
OMU "O3'"  O N N 190 
OMU "O4'"  O N N 191 
OMU "C5'"  C N N 192 
OMU "O5'"  O N N 193 
OMU P      P N N 194 
OMU OP1    O N N 195 
OMU OP2    O N N 196 
OMU OP3    O N N 197 
OMU HN3    H N N 198 
OMU H5     H N N 199 
OMU H6     H N N 200 
OMU "H1'"  H N N 201 
OMU "H2'"  H N N 202 
OMU HM21   H N N 203 
OMU HM22   H N N 204 
OMU HM23   H N N 205 
OMU "H3'"  H N N 206 
OMU "H4'"  H N N 207 
OMU "HO3'" H N N 208 
OMU "H5'"  H N N 209 
OMU "H5''" H N N 210 
OMU HOP2   H N N 211 
OMU HOP3   H N N 212 
# 
loop_
_chem_comp_bond.comp_id 
_chem_comp_bond.atom_id_1 
_chem_comp_bond.atom_id_2 
_chem_comp_bond.value_order 
_chem_comp_bond.pdbx_aromatic_flag 
_chem_comp_bond.pdbx_stereo_config 
_chem_comp_bond.pdbx_ordinal 
A   OP3   P      sing N N 1   
A   OP3   HOP3   sing N N 2   
A   P     OP1    doub N N 3   
A   P     OP2    sing N N 4   
A   P     "O5'"  sing N N 5   
A   OP2   HOP2   sing N N 6   
A   "O5'" "C5'"  sing N N 7   
A   "C5'" "C4'"  sing N N 8   
A   "C5'" "H5'"  sing N N 9   
A   "C5'" "H5''" sing N N 10  
A   "C4'" "O4'"  sing N N 11  
A   "C4'" "C3'"  sing N N 12  
A   "C4'" "H4'"  sing N N 13  
A   "O4'" "C1'"  sing N N 14  
A   "C3'" "O3'"  sing N N 15  
A   "C3'" "C2'"  sing N N 16  
A   "C3'" "H3'"  sing N N 17  
A   "O3'" "HO3'" sing N N 18  
A   "C2'" "O2'"  sing N N 19  
A   "C2'" "C1'"  sing N N 20  
A   "C2'" "H2'"  sing N N 21  
A   "O2'" "HO2'" sing N N 22  
A   "C1'" N9     sing N N 23  
A   "C1'" "H1'"  sing N N 24  
A   N9    C8     sing Y N 25  
A   N9    C4     sing Y N 26  
A   C8    N7     doub Y N 27  
A   C8    H8     sing N N 28  
A   N7    C5     sing Y N 29  
A   C5    C6     sing Y N 30  
A   C5    C4     doub Y N 31  
A   C6    N6     sing N N 32  
A   C6    N1     doub Y N 33  
A   N6    H61    sing N N 34  
A   N6    H62    sing N N 35  
A   N1    C2     sing Y N 36  
A   C2    N3     doub Y N 37  
A   C2    H2     sing N N 38  
A   N3    C4     sing Y N 39  
CMY O1Y   C1Y    sing N N 40  
CMY O1Y   H1Y    sing N N 41  
CMY C1Y   N1Y    sing N N 42  
CMY C1Y   O1     doub N N 43  
CMY N1Y   C2Y    sing N N 44  
CMY N1Y   H1     sing N N 45  
CMY C2Y   C3Y    sing N N 46  
CMY C2Y   H2Y1   sing N N 47  
CMY C2Y   H2Y2   sing N N 48  
CMY C3Y   C4Y    sing N N 49  
CMY C3Y   H3Y1   sing N N 50  
CMY C3Y   H3Y2   sing N N 51  
CMY C4Y   C5Y    sing N N 52  
CMY C4Y   H4Y1   sing N N 53  
CMY C4Y   H4Y2   sing N N 54  
CMY C5Y   C6Y    sing N N 55  
CMY C5Y   H5Y1   sing N N 56  
CMY C5Y   H5Y2   sing N N 57  
CMY C6Y   C7Y    sing N N 58  
CMY C6Y   H6Y1   sing N N 59  
CMY C6Y   H6Y2   sing N N 60  
CMY C7Y   N2Y    sing N N 61  
CMY C7Y   H7Y1   sing N N 62  
CMY C7Y   H7Y2   sing N N 63  
CMY N2Y   H11    sing N N 64  
CMY N2Y   H12    sing N N 65  
DC  OP3   P      sing N N 66  
DC  OP3   HOP3   sing N N 67  
DC  P     OP1    doub N N 68  
DC  P     OP2    sing N N 69  
DC  P     "O5'"  sing N N 70  
DC  OP2   HOP2   sing N N 71  
DC  "O5'" "C5'"  sing N N 72  
DC  "C5'" "C4'"  sing N N 73  
DC  "C5'" "H5'"  sing N N 74  
DC  "C5'" "H5''" sing N N 75  
DC  "C4'" "O4'"  sing N N 76  
DC  "C4'" "C3'"  sing N N 77  
DC  "C4'" "H4'"  sing N N 78  
DC  "O4'" "C1'"  sing N N 79  
DC  "C3'" "O3'"  sing N N 80  
DC  "C3'" "C2'"  sing N N 81  
DC  "C3'" "H3'"  sing N N 82  
DC  "O3'" "HO3'" sing N N 83  
DC  "C2'" "C1'"  sing N N 84  
DC  "C2'" "H2'"  sing N N 85  
DC  "C2'" "H2''" sing N N 86  
DC  "C1'" N1     sing N N 87  
DC  "C1'" "H1'"  sing N N 88  
DC  N1    C2     sing N N 89  
DC  N1    C6     sing N N 90  
DC  C2    O2     doub N N 91  
DC  C2    N3     sing N N 92  
DC  N3    C4     doub N N 93  
DC  C4    N4     sing N N 94  
DC  C4    C5     sing N N 95  
DC  N4    H41    sing N N 96  
DC  N4    H42    sing N N 97  
DC  C5    C6     doub N N 98  
DC  C5    H5     sing N N 99  
DC  C6    H6     sing N N 100 
DT  OP3   P      sing N N 101 
DT  OP3   HOP3   sing N N 102 
DT  P     OP1    doub N N 103 
DT  P     OP2    sing N N 104 
DT  P     "O5'"  sing N N 105 
DT  OP2   HOP2   sing N N 106 
DT  "O5'" "C5'"  sing N N 107 
DT  "C5'" "C4'"  sing N N 108 
DT  "C5'" "H5'"  sing N N 109 
DT  "C5'" "H5''" sing N N 110 
DT  "C4'" "O4'"  sing N N 111 
DT  "C4'" "C3'"  sing N N 112 
DT  "C4'" "H4'"  sing N N 113 
DT  "O4'" "C1'"  sing N N 114 
DT  "C3'" "O3'"  sing N N 115 
DT  "C3'" "C2'"  sing N N 116 
DT  "C3'" "H3'"  sing N N 117 
DT  "O3'" "HO3'" sing N N 118 
DT  "C2'" "C1'"  sing N N 119 
DT  "C2'" "H2'"  sing N N 120 
DT  "C2'" "H2''" sing N N 121 
DT  "C1'" N1     sing N N 122 
DT  "C1'" "H1'"  sing N N 123 
DT  N1    C2     sing N N 124 
DT  N1    C6     sing N N 125 
DT  C2    O2     doub N N 126 
DT  C2    N3     sing N N 127 
DT  N3    C4     sing N N 128 
DT  N3    H3     sing N N 129 
DT  C4    O4     doub N N 130 
DT  C4    C5     sing N N 131 
DT  C5    C7     sing N N 132 
DT  C5    C6     doub N N 133 
DT  C7    H71    sing N N 134 
DT  C7    H72    sing N N 135 
DT  C7    H73    sing N N 136 
DT  C6    H6     sing N N 137 
G   OP3   P      sing N N 138 
G   OP3   HOP3   sing N N 139 
G   P     OP1    doub N N 140 
G   P     OP2    sing N N 141 
G   P     "O5'"  sing N N 142 
G   OP2   HOP2   sing N N 143 
G   "O5'" "C5'"  sing N N 144 
G   "C5'" "C4'"  sing N N 145 
G   "C5'" "H5'"  sing N N 146 
G   "C5'" "H5''" sing N N 147 
G   "C4'" "O4'"  sing N N 148 
G   "C4'" "C3'"  sing N N 149 
G   "C4'" "H4'"  sing N N 150 
G   "O4'" "C1'"  sing N N 151 
G   "C3'" "O3'"  sing N N 152 
G   "C3'" "C2'"  sing N N 153 
G   "C3'" "H3'"  sing N N 154 
G   "O3'" "HO3'" sing N N 155 
G   "C2'" "O2'"  sing N N 156 
G   "C2'" "C1'"  sing N N 157 
G   "C2'" "H2'"  sing N N 158 
G   "O2'" "HO2'" sing N N 159 
G   "C1'" N9     sing N N 160 
G   "C1'" "H1'"  sing N N 161 
G   N9    C8     sing Y N 162 
G   N9    C4     sing Y N 163 
G   C8    N7     doub Y N 164 
G   C8    H8     sing N N 165 
G   N7    C5     sing Y N 166 
G   C5    C6     sing N N 167 
G   C5    C4     doub Y N 168 
G   C6    O6     doub N N 169 
G   C6    N1     sing N N 170 
G   N1    C2     sing N N 171 
G   N1    H1     sing N N 172 
G   C2    N2     sing N N 173 
G   C2    N3     doub N N 174 
G   N2    H21    sing N N 175 
G   N2    H22    sing N N 176 
G   N3    C4     sing N N 177 
HOH O     H1     sing N N 178 
HOH O     H2     sing N N 179 
OMU N1    C2     sing N N 180 
OMU N1    C6     sing N N 181 
OMU N1    "C1'"  sing N N 182 
OMU C2    N3     sing N N 183 
OMU C2    O2     doub N N 184 
OMU N3    C4     sing N N 185 
OMU N3    HN3    sing N N 186 
OMU C4    C5     sing N N 187 
OMU C4    O4     doub N N 188 
OMU C5    C6     doub N N 189 
OMU C5    H5     sing N N 190 
OMU C6    H6     sing N N 191 
OMU "C1'" "C2'"  sing N N 192 
OMU "C1'" "O4'"  sing N N 193 
OMU "C1'" "H1'"  sing N N 194 
OMU "C2'" "O2'"  sing N N 195 
OMU "C2'" "C3'"  sing N N 196 
OMU "C2'" "H2'"  sing N N 197 
OMU "O2'" CM2    sing N N 198 
OMU CM2   HM21   sing N N 199 
OMU CM2   HM22   sing N N 200 
OMU CM2   HM23   sing N N 201 
OMU "C3'" "C4'"  sing N N 202 
OMU "C3'" "O3'"  sing N N 203 
OMU "C3'" "H3'"  sing N N 204 
OMU "C4'" "O4'"  sing N N 205 
OMU "C4'" "C5'"  sing N N 206 
OMU "C4'" "H4'"  sing N N 207 
OMU "O3'" "HO3'" sing N N 208 
OMU "C5'" "O5'"  sing N N 209 
OMU "C5'" "H5'"  sing N N 210 
OMU "C5'" "H5''" sing N N 211 
OMU "O5'" P      sing N N 212 
OMU P     OP1    doub N N 213 
OMU P     OP2    sing N N 214 
OMU P     OP3    sing N N 215 
OMU OP2   HOP2   sing N N 216 
OMU OP3   HOP3   sing N N 217 
# 
_ndb_struct_conf_na.entry_id   2DQQ 
_ndb_struct_conf_na.feature    'a-form double helix' 
# 
loop_
_ndb_struct_na_base_pair.model_number 
_ndb_struct_na_base_pair.i_label_asym_id 
_ndb_struct_na_base_pair.i_label_comp_id 
_ndb_struct_na_base_pair.i_label_seq_id 
_ndb_struct_na_base_pair.i_symmetry 
_ndb_struct_na_base_pair.j_label_asym_id 
_ndb_struct_na_base_pair.j_label_comp_id 
_ndb_struct_na_base_pair.j_label_seq_id 
_ndb_struct_na_base_pair.j_symmetry 
_ndb_struct_na_base_pair.shear 
_ndb_struct_na_base_pair.stretch 
_ndb_struct_na_base_pair.stagger 
_ndb_struct_na_base_pair.buckle 
_ndb_struct_na_base_pair.propeller 
_ndb_struct_na_base_pair.opening 
_ndb_struct_na_base_pair.pair_number 
_ndb_struct_na_base_pair.pair_name 
_ndb_struct_na_base_pair.i_auth_asym_id 
_ndb_struct_na_base_pair.i_auth_seq_id 
_ndb_struct_na_base_pair.i_PDB_ins_code 
_ndb_struct_na_base_pair.j_auth_asym_id 
_ndb_struct_na_base_pair.j_auth_seq_id 
_ndb_struct_na_base_pair.j_PDB_ins_code 
_ndb_struct_na_base_pair.hbond_type_28 
_ndb_struct_na_base_pair.hbond_type_12 
1 A DC  1 1_555 B G 9 1_555 0.163  -0.036 -0.726 18.497 2.490   -3.996 1 A_DC1:G18_B  A 1 ? B 18 ? 19 1 
1 A OMU 2 1_555 B A 8 1_555 -0.433 -0.100 0.022  3.695  -12.239 3.503  2 A_OMU2:A17_B A 2 ? B 17 ? 20 1 
1 A DC  3 1_555 B G 7 1_555 0.376  -0.170 -0.284 9.496  3.079   1.970  3 A_DC3:G16_B  A 3 ? B 16 ? 19 1 
1 A DT  4 1_555 B A 6 1_555 0.079  -0.031 -0.521 11.089 -11.868 0.640  4 A_DT4:A15_B  A 4 ? B 15 ? 20 1 
1 A OMU 5 1_555 B A 5 1_555 -0.154 -0.146 -0.124 3.561  -20.394 7.547  5 A_OMU5:A14_B A 5 ? B 14 ? 20 1 
1 A DC  6 1_555 B G 4 1_555 0.185  -0.197 -0.420 2.013  0.540   -1.084 6 A_DC6:G13_B  A 6 ? B 13 ? 19 1 
1 A DT  7 1_555 B A 3 1_555 -0.236 -0.013 -0.617 10.561 -1.407  -5.247 7 A_DT7:A12_B  A 7 ? B 12 ? 20 1 
1 A DT  8 1_555 B A 2 1_555 -0.204 -0.184 -0.802 22.403 -0.482  -3.718 8 A_DT8:A11_B  A 8 ? B 11 ? 20 1 
1 A DC  9 1_555 B G 1 1_555 0.543  -0.078 -0.685 23.729 -2.757  -4.456 9 A_DC9:G10_B  A 9 ? B 10 ? 19 1 
# 
loop_
_ndb_struct_na_base_pair_step.model_number 
_ndb_struct_na_base_pair_step.i_label_asym_id_1 
_ndb_struct_na_base_pair_step.i_label_comp_id_1 
_ndb_struct_na_base_pair_step.i_label_seq_id_1 
_ndb_struct_na_base_pair_step.i_symmetry_1 
_ndb_struct_na_base_pair_step.j_label_asym_id_1 
_ndb_struct_na_base_pair_step.j_label_comp_id_1 
_ndb_struct_na_base_pair_step.j_label_seq_id_1 
_ndb_struct_na_base_pair_step.j_symmetry_1 
_ndb_struct_na_base_pair_step.i_label_asym_id_2 
_ndb_struct_na_base_pair_step.i_label_comp_id_2 
_ndb_struct_na_base_pair_step.i_label_seq_id_2 
_ndb_struct_na_base_pair_step.i_symmetry_2 
_ndb_struct_na_base_pair_step.j_label_asym_id_2 
_ndb_struct_na_base_pair_step.j_label_comp_id_2 
_ndb_struct_na_base_pair_step.j_label_seq_id_2 
_ndb_struct_na_base_pair_step.j_symmetry_2 
_ndb_struct_na_base_pair_step.shift 
_ndb_struct_na_base_pair_step.slide 
_ndb_struct_na_base_pair_step.rise 
_ndb_struct_na_base_pair_step.tilt 
_ndb_struct_na_base_pair_step.roll 
_ndb_struct_na_base_pair_step.twist 
_ndb_struct_na_base_pair_step.x_displacement 
_ndb_struct_na_base_pair_step.y_displacement 
_ndb_struct_na_base_pair_step.helical_rise 
_ndb_struct_na_base_pair_step.inclination 
_ndb_struct_na_base_pair_step.tip 
_ndb_struct_na_base_pair_step.helical_twist 
_ndb_struct_na_base_pair_step.step_number 
_ndb_struct_na_base_pair_step.step_name 
_ndb_struct_na_base_pair_step.i_auth_asym_id_1 
_ndb_struct_na_base_pair_step.i_auth_seq_id_1 
_ndb_struct_na_base_pair_step.i_PDB_ins_code_1 
_ndb_struct_na_base_pair_step.j_auth_asym_id_1 
_ndb_struct_na_base_pair_step.j_auth_seq_id_1 
_ndb_struct_na_base_pair_step.j_PDB_ins_code_1 
_ndb_struct_na_base_pair_step.i_auth_asym_id_2 
_ndb_struct_na_base_pair_step.i_auth_seq_id_2 
_ndb_struct_na_base_pair_step.i_PDB_ins_code_2 
_ndb_struct_na_base_pair_step.j_auth_asym_id_2 
_ndb_struct_na_base_pair_step.j_auth_seq_id_2 
_ndb_struct_na_base_pair_step.j_PDB_ins_code_2 
1 A DC  1 1_555 B G 9 1_555 A OMU 2 1_555 B A 8 1_555 -0.105 -2.455 3.873 -8.861 -1.538 26.949 -4.578 -2.259 3.844 -3.189 18.376 
28.384 1 AA_DC1OMU2:A17G18_BB A 1 ? B 18 ? A 2 ? B 17 ? 
1 A OMU 2 1_555 B A 8 1_555 A DC  3 1_555 B G 7 1_555 -0.828 -1.409 3.095 -0.887 8.592  32.135 -3.749 1.315  2.661 15.182 1.567  
33.246 2 AA_OMU2DC3:G16A17_BB A 2 ? B 17 ? A 3 ? B 16 ? 
1 A DC  3 1_555 B G 7 1_555 A DT  4 1_555 B A 6 1_555 -0.093 -1.436 3.347 0.881  6.293  31.635 -3.684 0.321  3.009 11.399 -1.596 
32.250 3 AA_DC3DT4:A15G16_BB  A 3 ? B 16 ? A 4 ? B 15 ? 
1 A DT  4 1_555 B A 6 1_555 A OMU 5 1_555 B A 5 1_555 0.430  -1.167 3.487 -3.252 4.601  30.678 -3.076 -1.441 3.220 8.606  6.081  
31.179 4 AA_DT4OMU5:A14A15_BB A 4 ? B 15 ? A 5 ? B 14 ? 
1 A OMU 5 1_555 B A 5 1_555 A DC  6 1_555 B G 4 1_555 -0.564 -1.764 3.281 0.274  16.457 30.827 -5.136 0.979  2.094 28.549 -0.475 
34.852 5 AA_OMU5DC6:G13A14_BB A 5 ? B 14 ? A 6 ? B 13 ? 
1 A DC  6 1_555 B G 4 1_555 A DT  7 1_555 B A 3 1_555 -0.097 -1.312 3.196 1.720  9.647  27.299 -4.564 0.541  2.581 19.654 -3.504 
28.973 6 AA_DC6DT7:A12G13_BB  A 6 ? B 13 ? A 7 ? B 12 ? 
1 A DT  7 1_555 B A 3 1_555 A DT  8 1_555 B A 2 1_555 -0.470 -1.614 3.144 -1.056 6.789  24.738 -5.359 0.791  2.632 15.470 2.405  
25.660 7 AA_DT7DT8:A11A12_BB  A 7 ? B 12 ? A 8 ? B 11 ? 
1 A DT  8 1_555 B A 2 1_555 A DC  9 1_555 B G 1 1_555 0.494  -1.438 3.551 -1.449 6.467  36.868 -3.128 -0.968 3.241 10.125 2.269  
37.438 8 AA_DT8DC9:G10A11_BB  A 8 ? B 11 ? A 9 ? B 10 ? 
# 
loop_
_pdbx_entity_nonpoly.entity_id 
_pdbx_entity_nonpoly.name 
_pdbx_entity_nonpoly.comp_id 
3 '(6-AMINOHEXYL)CARBAMIC ACID' CMY 
4 water                         HOH 
# 
_pdbx_initial_refinement_model.id               1 
_pdbx_initial_refinement_model.entity_id_list   ? 
_pdbx_initial_refinement_model.type             'experimental model' 
_pdbx_initial_refinement_model.source_name      PDB 
_pdbx_initial_refinement_model.accession_code   479D 
_pdbx_initial_refinement_model.details          'PDB ENTRY 479D' 
# 
